data_6W7S
#
_entry.id   6W7S
#
_cell.length_a   80.148
_cell.length_b   129.532
_cell.length_c   208.818
_cell.angle_alpha   90.000
_cell.angle_beta   90.000
_cell.angle_gamma   90.000
#
_symmetry.space_group_name_H-M   'C 2 2 21'
#
loop_
_entity.id
_entity.type
_entity.pdbx_description
1 polymer EryAI
2 polymer '2G10 (Fab heavy chain)'
3 polymer '2G10 (Fab light chain)'
4 non-polymer '2-(N-MORPHOLINO)-ETHANESULFONIC ACID'
5 non-polymer 'CHLORIDE ION'
6 water water
#
loop_
_entity_poly.entity_id
_entity_poly.type
_entity_poly.pdbx_seq_one_letter_code
_entity_poly.pdbx_strand_id
1 'polypeptide(L)'
;GSHMDEVSALRYRIEWRPTGAGEPARLDGTWLVAKYAGTADETSTAAREALESAGARVRELVVDARCGRDELAERLRSVG
EVAGVLSLLAVDEAEPEEAPLALASLADTLSLVQAMVSAELGCPLWTVTESAVATGPFERVRNAAHGALWGVGRVIALEN
PAVWGGLVDVPAGSVAELARHLAAVVSGGAGEDQLALRADGVYGRRWVRAAAPATDDEWKPTGTVLVTGGTGGVGGQIAR
WLARRGAPHLLLVSRSGPDADGAGELVAELEALGARTTVAACDVTDRESVRELLGGIGDDVPLSAVFHAAATLDDGTVDT
LTGERIERASRAKVLGARNLHELTRELDLTAFVLFSSFASAFGAPGLGGYAPGNAYLDGLAQQRRSDGLPATAVAWGTWA
GSGMAEGPVADRFRRHGVIEMPPETACRALQNALDRAEVCPIVIDVRWDRFLLAYTAQRPTRLFDEIDDARRAAPQAAAE
PRVGA
;
A
2 'polypeptide(L)'
;MAEVQLVQSGGGVVQPGRSLRLSCAASGFTFSSYAMHWVRQAPGKGLEWVAVISYDGSNKYYADSVKGRFTISRDNSKNT
LYLQMNSLRAEDTAVYYCARAPIQVMVRGVMAPDYWGQGTLVTVSSASTKGPSVFPLAPSSKSTSGGTAALGCLVKDYFP
EPVTVSWNSGALTSGVHTFPAVLQSSGLYSLSSVVTVPSSSLGTQTYICNVNHKPSNTKVDKKVEPKSCAAAHHHHHHGA
AEQKLISEEDLNGAA
;
H
3 'polypeptide(L)'
;LFAIPLVVPFYSHSAQAVLTQPSSLSASPGASASLTCTLRSGINVGTYRIYWYQQKPGSPPQYLLRYKSDSDKQQGSGVP
SRFSGSKDASANAGILLISGLQSEDEADYYCMTWHSSAYVFGTGTKVTVLGQPKANPTVTLFPPSSEELQANKATLVCLI
SDFYPGAVTVAWKADGSPVKAGVETTKPSKQSNNKYAASSYLSLTPEQWKSHRSYSCQVTHEGSTVEKTVAPTECS
;
L
#
loop_
_chem_comp.id
_chem_comp.type
_chem_comp.name
_chem_comp.formula
CL non-polymer 'CHLORIDE ION' 'Cl -1'
MES non-polymer '2-(N-MORPHOLINO)-ETHANESULFONIC ACID' 'C6 H13 N O4 S'
#
# COMPACT_ATOMS: atom_id res chain seq x y z
N ASP A 5 -3.13 24.53 8.28
CA ASP A 5 -4.28 24.95 9.10
C ASP A 5 -4.55 23.92 10.20
N GLU A 6 -5.40 24.30 11.18
CA GLU A 6 -5.64 23.47 12.36
C GLU A 6 -5.97 22.02 12.00
N VAL A 7 -6.95 21.82 11.12
CA VAL A 7 -7.43 20.48 10.85
C VAL A 7 -6.37 19.64 10.17
N SER A 8 -5.68 20.19 9.17
CA SER A 8 -4.75 19.36 8.39
C SER A 8 -3.61 18.85 9.27
N ALA A 9 -3.16 19.67 10.23
CA ALA A 9 -2.08 19.26 11.12
C ALA A 9 -2.48 18.14 12.08
N LEU A 10 -3.78 17.87 12.25
CA LEU A 10 -4.21 16.76 13.11
C LEU A 10 -4.09 15.38 12.44
N ARG A 11 -3.83 15.31 11.14
CA ARG A 11 -4.20 14.15 10.33
C ARG A 11 -3.03 13.22 10.04
N TYR A 12 -3.21 11.93 10.39
CA TYR A 12 -2.24 10.87 10.12
C TYR A 12 -2.92 9.58 9.70
N ARG A 13 -2.11 8.61 9.29
CA ARG A 13 -2.56 7.26 9.00
C ARG A 13 -1.39 6.32 9.18
N ILE A 14 -1.71 5.05 9.41
CA ILE A 14 -0.71 3.98 9.45
C ILE A 14 -0.48 3.48 8.04
N GLU A 15 0.79 3.44 7.61
CA GLU A 15 1.19 2.78 6.38
C GLU A 15 2.24 1.73 6.67
N TRP A 16 2.44 0.83 5.71
CA TRP A 16 3.45 -0.21 5.81
C TRP A 16 4.48 0.05 4.71
N ARG A 17 5.72 0.28 5.11
CA ARG A 17 6.73 0.67 4.12
C ARG A 17 7.76 -0.45 3.97
N PRO A 18 8.28 -0.64 2.76
CA PRO A 18 9.36 -1.63 2.58
C PRO A 18 10.52 -1.27 3.49
N THR A 19 11.11 -2.31 4.08
CA THR A 19 12.18 -2.11 5.05
C THR A 19 13.03 -3.35 5.07
N GLY A 20 14.25 -3.20 5.60
CA GLY A 20 15.17 -4.31 5.70
C GLY A 20 14.98 -5.08 6.99
N ALA A 21 14.94 -6.41 6.88
CA ALA A 21 14.86 -7.26 8.08
C ALA A 21 16.03 -7.02 9.02
N GLY A 22 17.20 -6.70 8.48
CA GLY A 22 18.46 -6.72 9.21
C GLY A 22 19.45 -7.59 8.47
N GLU A 23 20.75 -7.48 8.78
CA GLU A 23 21.59 -8.28 7.91
C GLU A 23 21.92 -9.63 8.55
N PRO A 24 22.02 -10.70 7.71
CA PRO A 24 22.63 -11.96 8.16
C PRO A 24 22.02 -12.57 9.40
N ALA A 25 22.59 -12.29 10.57
CA ALA A 25 21.99 -12.73 11.83
C ALA A 25 22.99 -13.45 12.73
N ARG A 26 22.83 -14.78 12.84
CA ARG A 26 23.64 -15.67 13.67
C ARG A 26 23.31 -15.54 15.14
N LEU A 27 22.56 -16.50 15.67
CA LEU A 27 22.05 -16.46 17.03
C LEU A 27 22.81 -17.41 17.93
N ASP A 28 22.82 -17.10 19.23
CA ASP A 28 23.43 -17.95 20.24
C ASP A 28 22.46 -18.15 21.39
N GLY A 29 22.71 -19.20 22.15
CA GLY A 29 21.84 -19.51 23.27
C GLY A 29 20.61 -20.29 22.82
N THR A 30 19.70 -20.49 23.75
CA THR A 30 18.51 -21.28 23.52
C THR A 30 17.30 -20.38 23.29
N TRP A 31 16.53 -20.67 22.25
CA TRP A 31 15.26 -20.01 21.96
C TRP A 31 14.12 -20.94 22.32
N LEU A 32 13.16 -20.44 23.07
CA LEU A 32 11.93 -21.19 23.32
C LEU A 32 10.88 -20.85 22.27
N VAL A 33 10.17 -21.86 21.79
CA VAL A 33 9.04 -21.67 20.91
C VAL A 33 7.80 -22.00 21.73
N ALA A 34 7.04 -20.97 22.06
CA ALA A 34 5.84 -21.11 22.89
C ALA A 34 4.64 -21.38 22.01
N LYS A 35 3.85 -22.39 22.36
CA LYS A 35 2.70 -22.77 21.54
C LYS A 35 1.73 -23.57 22.37
N TYR A 36 0.53 -23.72 21.83
CA TYR A 36 -0.44 -24.64 22.40
C TYR A 36 -0.19 -26.04 21.88
N ALA A 37 -0.52 -27.04 22.70
CA ALA A 37 -0.24 -28.43 22.33
C ALA A 37 -0.95 -28.81 21.03
N GLY A 38 -2.14 -28.26 20.79
CA GLY A 38 -2.91 -28.66 19.62
C GLY A 38 -2.44 -27.99 18.34
N THR A 39 -2.12 -26.70 18.39
CA THR A 39 -2.05 -25.88 17.19
C THR A 39 -0.62 -25.62 16.71
N ALA A 40 -0.52 -25.19 15.46
CA ALA A 40 0.66 -24.49 14.94
C ALA A 40 1.90 -25.38 14.82
N ASP A 41 1.72 -26.68 14.54
CA ASP A 41 2.86 -27.60 14.46
C ASP A 41 3.73 -27.29 13.24
N GLU A 42 3.11 -27.07 12.08
CA GLU A 42 3.87 -26.75 10.86
C GLU A 42 4.71 -25.50 11.05
N THR A 43 4.10 -24.42 11.56
CA THR A 43 4.82 -23.17 11.76
C THR A 43 5.91 -23.33 12.81
N SER A 44 5.62 -24.05 13.91
CA SER A 44 6.66 -24.36 14.88
C SER A 44 7.84 -25.08 14.22
N THR A 45 7.55 -26.01 13.30
CA THR A 45 8.65 -26.73 12.67
C THR A 45 9.49 -25.80 11.83
N ALA A 46 8.86 -25.02 10.94
CA ALA A 46 9.59 -24.03 10.17
C ALA A 46 10.34 -23.06 11.07
N ALA A 47 9.69 -22.61 12.15
CA ALA A 47 10.36 -21.67 13.07
C ALA A 47 11.59 -22.30 13.67
N ARG A 48 11.45 -23.51 14.24
CA ARG A 48 12.60 -24.23 14.78
C ARG A 48 13.72 -24.33 13.77
N GLU A 49 13.43 -24.83 12.57
CA GLU A 49 14.47 -25.01 11.57
C GLU A 49 15.12 -23.68 11.23
N ALA A 50 14.33 -22.62 11.11
CA ALA A 50 14.89 -21.32 10.80
C ALA A 50 15.79 -20.82 11.94
N LEU A 51 15.42 -21.07 13.19
CA LEU A 51 16.26 -20.61 14.29
C LEU A 51 17.52 -21.48 14.43
N GLU A 52 17.36 -22.81 14.37
CA GLU A 52 18.49 -23.72 14.39
C GLU A 52 19.47 -23.42 13.27
N SER A 53 18.95 -23.18 12.06
CA SER A 53 19.78 -22.86 10.92
C SER A 53 20.62 -21.61 11.16
N ALA A 54 20.14 -20.68 11.98
CA ALA A 54 20.97 -19.54 12.32
C ALA A 54 21.90 -19.84 13.49
N GLY A 55 21.80 -21.01 14.10
CA GLY A 55 22.76 -21.41 15.09
C GLY A 55 22.28 -21.41 16.53
N ALA A 56 20.98 -21.56 16.75
CA ALA A 56 20.42 -21.55 18.08
C ALA A 56 19.92 -22.92 18.49
N ARG A 57 20.05 -23.23 19.77
CA ARG A 57 19.29 -24.33 20.35
C ARG A 57 17.84 -23.91 20.48
N VAL A 58 16.92 -24.81 20.15
CA VAL A 58 15.49 -24.51 20.11
C VAL A 58 14.75 -25.59 20.89
N ARG A 59 13.93 -25.17 21.87
CA ARG A 59 13.08 -26.08 22.61
C ARG A 59 11.63 -25.57 22.62
N GLU A 60 10.69 -26.50 22.50
CA GLU A 60 9.27 -26.18 22.62
C GLU A 60 8.91 -25.82 24.06
N LEU A 61 7.97 -24.90 24.21
CA LEU A 61 7.42 -24.52 25.50
C LEU A 61 5.90 -24.56 25.34
N VAL A 62 5.31 -25.71 25.67
CA VAL A 62 3.89 -25.90 25.46
C VAL A 62 3.14 -25.19 26.57
N VAL A 63 2.29 -24.25 26.18
CA VAL A 63 1.52 -23.44 27.10
C VAL A 63 0.09 -23.98 27.14
N ASP A 64 -0.49 -24.04 28.33
CA ASP A 64 -1.89 -24.43 28.46
C ASP A 64 -2.78 -23.22 28.17
N ALA A 65 -3.90 -23.46 27.51
CA ALA A 65 -4.89 -22.41 27.28
C ALA A 65 -5.31 -21.78 28.61
N ARG A 66 -5.26 -20.45 28.66
CA ARG A 66 -5.70 -19.67 29.82
C ARG A 66 -4.98 -20.12 31.09
N CYS A 67 -3.66 -20.27 31.00
CA CYS A 67 -2.85 -20.82 32.07
C CYS A 67 -2.63 -19.81 33.20
N GLY A 68 -2.18 -20.32 34.33
CA GLY A 68 -1.81 -19.46 35.44
C GLY A 68 -0.40 -18.93 35.25
N ARG A 69 -0.23 -17.62 35.43
CA ARG A 69 1.08 -17.01 35.21
C ARG A 69 2.11 -17.39 36.26
N ASP A 70 1.72 -18.11 37.31
CA ASP A 70 2.69 -18.49 38.33
C ASP A 70 3.27 -19.88 38.12
N GLU A 71 2.45 -20.89 37.78
CA GLU A 71 3.03 -22.16 37.38
C GLU A 71 3.88 -21.99 36.11
N LEU A 72 3.48 -21.09 35.22
CA LEU A 72 4.29 -20.83 34.04
C LEU A 72 5.60 -20.14 34.40
N ALA A 73 5.58 -19.25 35.39
CA ALA A 73 6.83 -18.63 35.84
C ALA A 73 7.77 -19.64 36.48
N GLU A 74 7.22 -20.59 37.24
CA GLU A 74 8.05 -21.64 37.82
C GLU A 74 8.75 -22.42 36.71
N ARG A 75 7.97 -22.88 35.72
CA ARG A 75 8.53 -23.61 34.59
C ARG A 75 9.68 -22.85 33.93
N LEU A 76 9.53 -21.54 33.77
CA LEU A 76 10.53 -20.75 33.06
C LEU A 76 11.82 -20.58 33.85
N ARG A 77 11.76 -20.71 35.18
CA ARG A 77 12.99 -20.57 35.97
C ARG A 77 13.86 -21.81 35.90
N SER A 78 13.28 -22.96 35.58
CA SER A 78 14.04 -24.21 35.53
C SER A 78 14.80 -24.36 34.21
N VAL A 79 14.34 -23.75 33.11
CA VAL A 79 14.93 -24.04 31.80
C VAL A 79 16.30 -23.42 31.62
N GLY A 80 16.67 -22.41 32.41
CA GLY A 80 18.02 -21.90 32.42
C GLY A 80 18.51 -21.17 31.17
N GLU A 81 19.00 -19.94 31.38
CA GLU A 81 19.54 -19.05 30.34
C GLU A 81 18.91 -19.21 28.96
N VAL A 82 17.82 -18.49 28.75
CA VAL A 82 17.12 -18.43 27.46
C VAL A 82 17.49 -17.12 26.79
N ALA A 83 17.71 -17.18 25.47
CA ALA A 83 18.09 -16.01 24.71
C ALA A 83 16.92 -15.30 24.04
N GLY A 84 15.76 -15.96 23.93
CA GLY A 84 14.58 -15.36 23.32
C GLY A 84 13.43 -16.34 23.34
N VAL A 85 12.22 -15.78 23.31
CA VAL A 85 11.00 -16.57 23.20
C VAL A 85 10.24 -16.14 21.94
N LEU A 86 9.86 -17.11 21.13
CA LEU A 86 9.03 -16.90 19.96
C LEU A 86 7.66 -17.48 20.27
N SER A 87 6.63 -16.63 20.24
CA SER A 87 5.27 -17.04 20.54
C SER A 87 4.51 -17.34 19.25
N LEU A 88 3.93 -18.53 19.18
CA LEU A 88 2.97 -18.90 18.14
C LEU A 88 1.57 -19.08 18.72
N LEU A 89 1.31 -18.54 19.91
CA LEU A 89 0.00 -18.69 20.53
C LEU A 89 -1.13 -18.22 19.60
N ALA A 90 -0.85 -17.25 18.75
CA ALA A 90 -1.83 -16.68 17.83
C ALA A 90 -1.74 -17.24 16.42
N VAL A 91 -0.91 -18.24 16.20
CA VAL A 91 -0.79 -18.92 14.91
C VAL A 91 -1.73 -20.12 14.93
N ASP A 92 -2.43 -20.34 13.80
CA ASP A 92 -3.33 -21.49 13.67
C ASP A 92 -4.39 -21.49 14.78
N GLU A 93 -4.86 -20.30 15.15
CA GLU A 93 -5.74 -20.16 16.32
C GLU A 93 -7.19 -20.33 15.92
N ALA A 94 -7.86 -21.29 16.56
CA ALA A 94 -9.30 -21.51 16.40
C ALA A 94 -10.09 -20.22 16.63
N GLU A 95 -11.32 -20.18 16.09
CA GLU A 95 -12.17 -18.99 16.23
C GLU A 95 -13.50 -19.39 16.90
N PRO A 96 -13.50 -20.10 18.03
CA PRO A 96 -14.78 -20.58 18.56
C PRO A 96 -15.67 -19.42 18.94
N GLU A 97 -16.98 -19.66 18.91
CA GLU A 97 -17.96 -18.60 19.13
C GLU A 97 -17.83 -18.04 20.55
N GLU A 98 -17.46 -16.78 20.64
CA GLU A 98 -17.26 -16.07 21.90
C GLU A 98 -17.10 -14.60 21.53
N ALA A 99 -17.10 -13.74 22.55
CA ALA A 99 -16.81 -12.35 22.29
C ALA A 99 -15.37 -12.21 21.78
N PRO A 100 -15.09 -11.22 20.93
CA PRO A 100 -13.80 -11.20 20.21
C PRO A 100 -12.57 -11.18 21.11
N LEU A 101 -12.63 -10.52 22.24
CA LEU A 101 -11.44 -10.39 23.09
C LEU A 101 -11.38 -11.48 24.17
N ALA A 102 -12.30 -12.44 24.15
CA ALA A 102 -12.15 -13.64 24.96
C ALA A 102 -10.99 -14.51 24.49
N LEU A 103 -10.55 -14.30 23.25
CA LEU A 103 -9.31 -14.80 22.65
C LEU A 103 -8.26 -15.29 23.66
N ALA A 104 -7.91 -16.58 23.61
CA ALA A 104 -6.93 -17.13 24.56
C ALA A 104 -5.53 -16.57 24.32
N SER A 105 -5.15 -16.38 23.05
CA SER A 105 -3.81 -15.89 22.76
C SER A 105 -3.56 -14.52 23.38
N LEU A 106 -4.59 -13.67 23.49
CA LEU A 106 -4.43 -12.42 24.22
C LEU A 106 -4.15 -12.68 25.70
N ALA A 107 -4.98 -13.51 26.33
CA ALA A 107 -4.80 -13.81 27.75
C ALA A 107 -3.46 -14.47 28.01
N ASP A 108 -3.05 -15.39 27.14
CA ASP A 108 -1.81 -16.11 27.40
C ASP A 108 -0.59 -15.32 26.99
N THR A 109 -0.74 -14.40 26.02
CA THR A 109 0.37 -13.49 25.75
C THR A 109 0.72 -12.67 26.99
N LEU A 110 -0.31 -12.20 27.69
CA LEU A 110 -0.07 -11.39 28.89
C LEU A 110 0.53 -12.24 30.01
N SER A 111 0.00 -13.45 30.21
CA SER A 111 0.57 -14.30 31.25
C SER A 111 2.00 -14.72 30.90
N LEU A 112 2.26 -14.99 29.62
CA LEU A 112 3.62 -15.34 29.20
C LEU A 112 4.58 -14.19 29.50
N VAL A 113 4.18 -12.96 29.15
CA VAL A 113 5.02 -11.79 29.40
C VAL A 113 5.28 -11.65 30.88
N GLN A 114 4.25 -11.82 31.69
CA GLN A 114 4.39 -11.67 33.13
C GLN A 114 5.25 -12.78 33.72
N ALA A 115 5.10 -14.01 33.22
CA ALA A 115 5.94 -15.10 33.71
C ALA A 115 7.41 -14.89 33.34
N MET A 116 7.68 -14.30 32.18
CA MET A 116 9.06 -13.97 31.81
C MET A 116 9.63 -12.90 32.72
N VAL A 117 8.79 -11.98 33.20
CA VAL A 117 9.28 -10.94 34.10
C VAL A 117 9.50 -11.52 35.49
N SER A 118 8.53 -12.29 35.97
CA SER A 118 8.64 -12.92 37.28
C SER A 118 9.88 -13.81 37.39
N ALA A 119 10.19 -14.54 36.31
CA ALA A 119 11.29 -15.49 36.31
C ALA A 119 12.63 -14.89 35.94
N GLU A 120 12.68 -13.58 35.65
CA GLU A 120 13.92 -12.85 35.37
C GLU A 120 14.69 -13.48 34.20
N LEU A 121 13.94 -13.91 33.18
CA LEU A 121 14.53 -14.54 32.00
C LEU A 121 15.53 -13.63 31.29
N GLY A 122 15.34 -12.31 31.37
CA GLY A 122 16.26 -11.38 30.74
C GLY A 122 16.27 -11.41 29.22
N CYS A 123 15.20 -11.86 28.59
CA CYS A 123 15.21 -12.04 27.15
C CYS A 123 13.91 -11.56 26.52
N PRO A 124 13.96 -11.10 25.28
CA PRO A 124 12.77 -10.54 24.63
C PRO A 124 11.78 -11.58 24.14
N LEU A 125 10.51 -11.21 24.11
CA LEU A 125 9.46 -12.00 23.50
C LEU A 125 9.13 -11.47 22.11
N TRP A 126 8.98 -12.39 21.16
CA TRP A 126 8.57 -12.06 19.80
C TRP A 126 7.28 -12.82 19.52
N THR A 127 6.24 -12.09 19.09
CA THR A 127 4.93 -12.68 18.84
C THR A 127 4.60 -12.66 17.35
N VAL A 128 4.17 -13.82 16.84
CA VAL A 128 3.82 -14.01 15.43
C VAL A 128 2.30 -13.99 15.31
N THR A 129 1.79 -13.21 14.36
CA THR A 129 0.36 -13.24 14.05
C THR A 129 0.17 -13.57 12.57
N GLU A 130 -1.05 -13.92 12.21
CA GLU A 130 -1.37 -14.45 10.88
C GLU A 130 -2.42 -13.56 10.24
N SER A 131 -2.00 -12.83 9.21
CA SER A 131 -2.91 -11.93 8.48
C SER A 131 -3.64 -10.99 9.43
N ALA A 132 -2.95 -10.58 10.50
CA ALA A 132 -3.57 -9.69 11.48
C ALA A 132 -3.48 -8.24 11.07
N VAL A 133 -2.59 -7.90 10.13
CA VAL A 133 -2.47 -6.56 9.60
C VAL A 133 -2.61 -6.64 8.08
N ALA A 134 -2.94 -5.50 7.48
CA ALA A 134 -3.01 -5.37 6.03
C ALA A 134 -1.97 -4.33 5.61
N THR A 135 -1.06 -4.73 4.74
CA THR A 135 -0.08 -3.78 4.22
C THR A 135 -0.67 -2.89 3.15
N GLY A 136 -1.91 -3.16 2.74
CA GLY A 136 -2.62 -2.37 1.77
C GLY A 136 -4.06 -2.85 1.65
N PRO A 137 -4.87 -2.14 0.87
CA PRO A 137 -6.31 -2.48 0.79
C PRO A 137 -6.59 -3.81 0.11
N PHE A 138 -5.63 -4.35 -0.63
CA PHE A 138 -5.72 -5.62 -1.32
C PHE A 138 -5.50 -6.81 -0.38
N GLU A 139 -5.21 -6.56 0.90
CA GLU A 139 -5.05 -7.59 1.91
C GLU A 139 -6.21 -7.49 2.90
N ARG A 140 -6.70 -8.63 3.37
CA ARG A 140 -7.81 -8.63 4.31
C ARG A 140 -7.34 -9.03 5.70
N VAL A 141 -7.66 -8.18 6.69
CA VAL A 141 -7.46 -8.57 8.09
C VAL A 141 -8.29 -9.81 8.39
N ARG A 142 -7.63 -10.87 8.84
CA ARG A 142 -8.33 -12.15 8.98
C ARG A 142 -9.20 -12.21 10.23
N ASN A 143 -8.62 -11.93 11.41
CA ASN A 143 -9.34 -11.88 12.68
C ASN A 143 -9.02 -10.55 13.34
N ALA A 144 -10.03 -9.68 13.50
CA ALA A 144 -9.74 -8.34 14.01
C ALA A 144 -9.29 -8.35 15.47
N ALA A 145 -9.59 -9.41 16.21
CA ALA A 145 -9.14 -9.49 17.60
C ALA A 145 -7.63 -9.65 17.71
N HIS A 146 -6.97 -10.21 16.70
CA HIS A 146 -5.53 -10.40 16.82
C HIS A 146 -4.79 -9.07 16.83
N GLY A 147 -5.38 -8.01 16.28
CA GLY A 147 -4.79 -6.69 16.46
C GLY A 147 -4.67 -6.27 17.91
N ALA A 148 -5.49 -6.84 18.79
CA ALA A 148 -5.32 -6.54 20.21
C ALA A 148 -3.95 -6.93 20.70
N LEU A 149 -3.35 -7.99 20.15
CA LEU A 149 -2.00 -8.37 20.56
C LEU A 149 -1.00 -7.26 20.23
N TRP A 150 -1.18 -6.61 19.07
CA TRP A 150 -0.35 -5.49 18.67
C TRP A 150 -0.60 -4.27 19.55
N GLY A 151 -1.87 -3.98 19.83
CA GLY A 151 -2.20 -2.83 20.66
C GLY A 151 -1.55 -2.90 22.04
N VAL A 152 -1.72 -4.04 22.73
CA VAL A 152 -1.13 -4.13 24.06
C VAL A 152 0.38 -4.33 23.98
N GLY A 153 0.85 -5.01 22.93
CA GLY A 153 2.29 -5.24 22.82
C GLY A 153 3.07 -3.94 22.74
N ARG A 154 2.50 -2.93 22.06
CA ARG A 154 3.18 -1.64 21.98
C ARG A 154 3.21 -0.96 23.34
N VAL A 155 2.19 -1.15 24.16
CA VAL A 155 2.22 -0.61 25.51
C VAL A 155 3.28 -1.34 26.34
N ILE A 156 3.27 -2.67 26.29
CA ILE A 156 4.26 -3.46 27.04
C ILE A 156 5.67 -3.05 26.64
N ALA A 157 5.89 -2.75 25.36
CA ALA A 157 7.20 -2.30 24.94
C ALA A 157 7.58 -0.99 25.62
N LEU A 158 6.61 -0.12 25.87
CA LEU A 158 6.94 1.14 26.52
C LEU A 158 7.12 0.98 28.02
N GLU A 159 6.44 0.01 28.65
CA GLU A 159 6.51 -0.18 30.09
C GLU A 159 7.68 -1.05 30.51
N ASN A 160 8.05 -2.05 29.70
CA ASN A 160 9.12 -2.98 30.03
C ASN A 160 9.87 -3.35 28.76
N PRO A 161 10.77 -2.47 28.30
CA PRO A 161 11.48 -2.71 27.03
C PRO A 161 12.13 -4.08 26.92
N ALA A 162 12.77 -4.54 27.99
CA ALA A 162 13.60 -5.74 27.92
C ALA A 162 12.80 -6.99 27.56
N VAL A 163 11.52 -7.04 27.95
CA VAL A 163 10.74 -8.25 27.73
C VAL A 163 10.06 -8.30 26.36
N TRP A 164 9.92 -7.17 25.65
CA TRP A 164 9.19 -7.13 24.39
C TRP A 164 10.18 -7.05 23.22
N GLY A 165 10.26 -8.13 22.44
CA GLY A 165 11.07 -8.15 21.25
C GLY A 165 10.36 -7.43 20.13
N GLY A 166 9.21 -7.97 19.71
CA GLY A 166 8.39 -7.27 18.76
C GLY A 166 7.28 -8.16 18.24
N LEU A 167 6.69 -7.71 17.14
CA LEU A 167 5.51 -8.33 16.56
C LEU A 167 5.79 -8.56 15.10
N VAL A 168 5.39 -9.73 14.59
CA VAL A 168 5.65 -10.14 13.21
C VAL A 168 4.40 -10.79 12.65
N ASP A 169 3.84 -10.21 11.60
CA ASP A 169 2.69 -10.80 10.93
C ASP A 169 3.13 -11.57 9.68
N VAL A 170 2.52 -12.72 9.46
CA VAL A 170 2.79 -13.54 8.27
C VAL A 170 1.45 -13.88 7.64
N PRO A 171 1.44 -14.27 6.36
CA PRO A 171 0.17 -14.70 5.76
C PRO A 171 -0.34 -15.95 6.44
N ALA A 172 -1.65 -16.02 6.65
CA ALA A 172 -2.22 -17.14 7.41
C ALA A 172 -1.98 -18.45 6.69
N GLY A 173 -1.40 -19.42 7.37
CA GLY A 173 -1.20 -20.75 6.82
C GLY A 173 0.04 -20.91 5.98
N SER A 174 0.92 -19.93 5.93
CA SER A 174 2.18 -20.03 5.20
C SER A 174 3.35 -20.01 6.17
N VAL A 175 4.43 -20.71 5.82
CA VAL A 175 5.65 -20.67 6.60
C VAL A 175 6.85 -20.14 5.81
N ALA A 176 6.74 -19.94 4.50
CA ALA A 176 7.93 -19.61 3.71
C ALA A 176 8.51 -18.26 4.13
N GLU A 177 7.66 -17.26 4.36
CA GLU A 177 8.15 -15.95 4.77
C GLU A 177 8.80 -16.00 6.15
N LEU A 178 8.17 -16.68 7.10
CA LEU A 178 8.78 -16.81 8.42
C LEU A 178 10.11 -17.55 8.32
N ALA A 179 10.15 -18.64 7.55
CA ALA A 179 11.39 -19.39 7.36
C ALA A 179 12.47 -18.50 6.75
N ARG A 180 12.12 -17.72 5.74
CA ARG A 180 13.08 -16.88 5.04
C ARG A 180 13.67 -15.81 5.95
N HIS A 181 12.82 -15.13 6.75
CA HIS A 181 13.24 -13.89 7.40
C HIS A 181 13.42 -13.96 8.90
N LEU A 182 12.94 -15.02 9.57
CA LEU A 182 12.79 -14.98 11.02
C LEU A 182 14.11 -14.66 11.72
N ALA A 183 15.19 -15.31 11.31
CA ALA A 183 16.46 -15.13 11.99
C ALA A 183 16.91 -13.67 11.97
N ALA A 184 16.86 -13.03 10.80
CA ALA A 184 17.28 -11.65 10.72
C ALA A 184 16.38 -10.74 11.54
N VAL A 185 15.08 -11.07 11.59
CA VAL A 185 14.14 -10.28 12.38
C VAL A 185 14.51 -10.29 13.86
N VAL A 186 14.71 -11.48 14.42
CA VAL A 186 14.96 -11.52 15.86
C VAL A 186 16.40 -11.17 16.19
N SER A 187 17.32 -11.23 15.23
CA SER A 187 18.66 -10.74 15.48
C SER A 187 18.67 -9.22 15.63
N GLY A 188 17.66 -8.55 15.10
CA GLY A 188 17.36 -7.19 15.49
C GLY A 188 18.25 -6.12 14.91
N GLY A 189 18.92 -6.38 13.80
CA GLY A 189 19.71 -5.39 13.11
C GLY A 189 19.09 -4.00 13.03
N ALA A 190 18.26 -3.74 12.03
CA ALA A 190 17.50 -2.50 12.00
C ALA A 190 16.47 -2.52 13.12
N GLY A 191 16.35 -1.43 13.86
CA GLY A 191 15.47 -1.40 15.02
C GLY A 191 13.98 -1.52 14.72
N GLU A 192 13.59 -2.59 14.03
CA GLU A 192 12.20 -2.82 13.65
C GLU A 192 11.55 -3.76 14.65
N ASP A 193 10.41 -3.35 15.23
CA ASP A 193 9.68 -4.21 16.14
C ASP A 193 8.22 -4.40 15.74
N GLN A 194 7.85 -3.97 14.54
CA GLN A 194 6.47 -4.06 14.08
C GLN A 194 6.52 -4.32 12.57
N LEU A 195 6.49 -5.60 12.21
CA LEU A 195 6.86 -6.07 10.88
C LEU A 195 5.75 -6.91 10.25
N ALA A 196 5.62 -6.81 8.93
CA ALA A 196 4.77 -7.69 8.14
C ALA A 196 5.65 -8.43 7.16
N LEU A 197 5.60 -9.76 7.18
CA LEU A 197 6.31 -10.57 6.21
C LEU A 197 5.33 -10.96 5.12
N ARG A 198 5.65 -10.62 3.88
CA ARG A 198 4.81 -10.93 2.74
C ARG A 198 5.64 -11.63 1.68
N ALA A 199 4.95 -12.27 0.73
CA ALA A 199 5.60 -13.02 -0.33
C ALA A 199 6.61 -12.16 -1.10
N ASP A 200 6.31 -10.87 -1.26
CA ASP A 200 7.13 -9.91 -1.97
C ASP A 200 8.12 -9.15 -1.07
N GLY A 201 8.11 -9.34 0.24
CA GLY A 201 9.17 -8.75 1.04
C GLY A 201 8.67 -8.32 2.43
N VAL A 202 9.49 -7.49 3.07
CA VAL A 202 9.34 -7.15 4.49
C VAL A 202 8.89 -5.71 4.61
N TYR A 203 7.93 -5.47 5.50
CA TYR A 203 7.30 -4.16 5.69
C TYR A 203 7.29 -3.79 7.16
N GLY A 204 7.53 -2.52 7.46
CA GLY A 204 7.52 -2.00 8.82
C GLY A 204 6.41 -1.00 9.00
N ARG A 205 5.76 -1.05 10.17
CA ARG A 205 4.68 -0.11 10.48
C ARG A 205 5.20 1.32 10.64
N ARG A 206 4.47 2.29 10.07
CA ARG A 206 4.90 3.69 10.00
C ARG A 206 3.72 4.64 10.15
N TRP A 207 3.91 5.71 10.93
CA TRP A 207 3.02 6.87 10.95
C TRP A 207 3.34 7.79 9.78
N VAL A 208 2.31 8.32 9.14
CA VAL A 208 2.47 9.22 8.00
C VAL A 208 1.43 10.35 8.09
N ARG A 209 1.85 11.56 7.75
CA ARG A 209 0.88 12.63 7.60
C ARG A 209 -0.08 12.33 6.45
N ALA A 210 -1.33 12.76 6.59
CA ALA A 210 -2.36 12.50 5.60
C ALA A 210 -2.93 13.81 5.09
N ALA A 211 -2.66 14.13 3.83
CA ALA A 211 -3.05 15.43 3.24
C ALA A 211 -4.53 15.51 2.91
N ASP A 216 -15.62 17.74 -3.77
CA ASP A 216 -16.98 17.66 -4.31
C ASP A 216 -17.92 17.03 -3.28
N ASP A 217 -17.66 15.77 -2.93
CA ASP A 217 -18.54 15.01 -2.05
C ASP A 217 -18.52 15.58 -0.64
N GLU A 218 -19.68 15.56 0.03
CA GLU A 218 -19.81 16.15 1.36
C GLU A 218 -20.81 15.33 2.15
N TRP A 219 -20.33 14.62 3.17
CA TRP A 219 -21.19 13.77 3.98
C TRP A 219 -22.14 14.58 4.83
N LYS A 220 -23.39 14.16 4.87
CA LYS A 220 -24.44 14.81 5.65
C LYS A 220 -25.21 13.76 6.45
N PRO A 221 -25.64 14.10 7.67
CA PRO A 221 -26.55 13.21 8.39
C PRO A 221 -27.95 13.21 7.77
N THR A 222 -28.52 12.02 7.63
CA THR A 222 -29.87 11.82 7.12
C THR A 222 -30.58 10.76 7.95
N GLY A 223 -31.91 10.70 7.79
CA GLY A 223 -32.72 9.75 8.51
C GLY A 223 -32.36 9.77 9.98
N THR A 224 -32.20 8.59 10.56
CA THR A 224 -31.82 8.44 11.95
C THR A 224 -30.32 8.19 12.05
N VAL A 225 -29.64 8.93 12.92
CA VAL A 225 -28.25 8.67 13.24
C VAL A 225 -28.15 8.14 14.67
N LEU A 226 -27.42 7.04 14.84
CA LEU A 226 -27.26 6.41 16.14
C LEU A 226 -25.89 6.73 16.74
N VAL A 227 -25.88 7.19 17.99
CA VAL A 227 -24.66 7.44 18.76
C VAL A 227 -24.68 6.58 20.02
N THR A 228 -23.75 5.62 20.11
CA THR A 228 -23.55 4.87 21.35
C THR A 228 -22.62 5.64 22.25
N GLY A 229 -22.70 5.40 23.55
CA GLY A 229 -22.06 6.34 24.45
C GLY A 229 -22.53 7.75 24.20
N GLY A 230 -23.78 7.92 23.76
CA GLY A 230 -24.24 9.19 23.24
C GLY A 230 -24.70 10.19 24.27
N THR A 231 -24.77 9.81 25.55
CA THR A 231 -25.30 10.70 26.57
C THR A 231 -24.19 11.39 27.37
N GLY A 232 -22.94 11.25 26.97
CA GLY A 232 -21.87 11.98 27.65
C GLY A 232 -20.55 11.90 26.90
N GLY A 233 -19.57 12.63 27.43
CA GLY A 233 -18.21 12.52 26.92
C GLY A 233 -18.13 12.87 25.45
N VAL A 234 -17.34 12.09 24.71
CA VAL A 234 -17.11 12.37 23.28
C VAL A 234 -18.40 12.16 22.47
N GLY A 235 -19.18 11.12 22.81
CA GLY A 235 -20.43 10.89 22.10
C GLY A 235 -21.40 12.06 22.19
N GLY A 236 -21.49 12.69 23.37
CA GLY A 236 -22.30 13.89 23.51
C GLY A 236 -21.83 15.02 22.62
N GLN A 237 -20.51 15.20 22.47
CA GLN A 237 -20.02 16.20 21.53
C GLN A 237 -20.41 15.83 20.10
N ILE A 238 -20.27 14.55 19.74
CA ILE A 238 -20.71 14.10 18.43
C ILE A 238 -22.18 14.39 18.23
N ALA A 239 -23.00 14.15 19.26
CA ALA A 239 -24.42 14.43 19.15
C ALA A 239 -24.63 15.90 18.80
N ARG A 240 -23.95 16.80 19.51
CA ARG A 240 -24.11 18.22 19.23
C ARG A 240 -23.69 18.57 17.80
N TRP A 241 -22.58 17.97 17.34
CA TRP A 241 -22.11 18.25 15.99
C TRP A 241 -23.14 17.79 14.96
N LEU A 242 -23.67 16.58 15.13
CA LEU A 242 -24.70 16.06 14.24
C LEU A 242 -25.94 16.97 14.23
N ALA A 243 -26.31 17.49 15.41
CA ALA A 243 -27.47 18.37 15.45
C ALA A 243 -27.21 19.63 14.64
N ARG A 244 -26.02 20.24 14.80
CA ARG A 244 -25.67 21.40 13.99
C ARG A 244 -25.66 21.09 12.50
N ARG A 245 -25.26 19.87 12.12
CA ARG A 245 -25.30 19.50 10.71
C ARG A 245 -26.69 19.08 10.24
N GLY A 246 -27.71 19.21 11.09
CA GLY A 246 -29.08 18.97 10.68
C GLY A 246 -29.56 17.53 10.69
N ALA A 247 -29.09 16.69 11.60
CA ALA A 247 -29.54 15.30 11.64
C ALA A 247 -31.07 15.26 11.83
N PRO A 248 -31.83 14.64 10.92
CA PRO A 248 -33.29 14.63 11.09
C PRO A 248 -33.73 13.99 12.40
N HIS A 249 -33.05 12.93 12.84
CA HIS A 249 -33.42 12.28 14.09
C HIS A 249 -32.18 11.67 14.72
N LEU A 250 -31.91 12.04 15.97
CA LEU A 250 -30.77 11.52 16.73
C LEU A 250 -31.26 10.46 17.71
N LEU A 251 -30.61 9.30 17.69
CA LEU A 251 -30.89 8.22 18.62
C LEU A 251 -29.66 8.05 19.51
N LEU A 252 -29.76 8.45 20.77
CA LEU A 252 -28.65 8.32 21.69
C LEU A 252 -28.87 7.11 22.56
N VAL A 253 -27.83 6.31 22.72
CA VAL A 253 -27.86 5.05 23.43
C VAL A 253 -26.76 5.07 24.47
N SER A 254 -27.10 4.67 25.69
CA SER A 254 -26.10 4.30 26.69
C SER A 254 -26.76 3.32 27.66
N ARG A 255 -25.95 2.74 28.53
CA ARG A 255 -26.48 1.82 29.54
C ARG A 255 -27.63 2.44 30.30
N SER A 256 -27.44 3.65 30.83
CA SER A 256 -28.47 4.31 31.63
C SER A 256 -29.51 5.05 30.80
N GLY A 257 -29.18 5.44 29.56
CA GLY A 257 -30.13 6.14 28.71
C GLY A 257 -30.64 7.44 29.33
N PRO A 258 -31.97 7.60 29.39
CA PRO A 258 -32.54 8.84 29.93
C PRO A 258 -32.29 9.04 31.42
N ASP A 259 -31.72 8.05 32.11
CA ASP A 259 -31.31 8.20 33.50
C ASP A 259 -29.84 8.57 33.63
N ALA A 260 -29.09 8.64 32.53
CA ALA A 260 -27.70 9.04 32.61
C ALA A 260 -27.60 10.48 33.14
N ASP A 261 -26.50 10.76 33.84
CA ASP A 261 -26.26 12.12 34.32
C ASP A 261 -26.22 13.11 33.18
N GLY A 262 -27.03 14.16 33.28
CA GLY A 262 -27.06 15.20 32.27
C GLY A 262 -27.88 14.90 31.03
N ALA A 263 -28.59 13.77 31.01
CA ALA A 263 -29.28 13.33 29.79
C ALA A 263 -30.43 14.26 29.42
N GLY A 264 -31.27 14.63 30.40
CA GLY A 264 -32.37 15.53 30.12
C GLY A 264 -31.90 16.86 29.59
N GLU A 265 -30.83 17.40 30.18
CA GLU A 265 -30.27 18.66 29.71
C GLU A 265 -29.67 18.50 28.33
N LEU A 266 -29.01 17.36 28.06
CA LEU A 266 -28.47 17.10 26.74
C LEU A 266 -29.57 17.10 25.69
N VAL A 267 -30.67 16.42 25.97
CA VAL A 267 -31.75 16.37 25.00
C VAL A 267 -32.27 17.77 24.71
N ALA A 268 -32.44 18.59 25.76
CA ALA A 268 -32.88 19.96 25.54
C ALA A 268 -31.83 20.74 24.76
N GLU A 269 -30.57 20.49 25.03
CA GLU A 269 -29.52 21.14 24.26
C GLU A 269 -29.62 20.76 22.77
N LEU A 270 -29.84 19.48 22.48
CA LEU A 270 -29.89 19.05 21.08
C LEU A 270 -31.13 19.57 20.38
N GLU A 271 -32.28 19.55 21.08
CA GLU A 271 -33.49 20.12 20.50
C GLU A 271 -33.26 21.59 20.12
N ALA A 272 -32.57 22.36 20.95
CA ALA A 272 -32.38 23.77 20.62
C ALA A 272 -31.43 23.96 19.46
N LEU A 273 -30.46 23.04 19.30
CA LEU A 273 -29.57 23.07 18.14
C LEU A 273 -30.28 22.64 16.87
N GLY A 274 -31.48 22.07 16.95
CA GLY A 274 -32.24 21.70 15.77
C GLY A 274 -32.69 20.25 15.65
N ALA A 275 -32.13 19.33 16.44
CA ALA A 275 -32.30 17.89 16.22
C ALA A 275 -33.35 17.31 17.14
N ARG A 276 -34.35 16.65 16.57
CA ARG A 276 -35.24 15.84 17.39
C ARG A 276 -34.47 14.60 17.86
N THR A 277 -34.55 14.31 19.15
CA THR A 277 -33.62 13.39 19.78
C THR A 277 -34.33 12.37 20.62
N THR A 278 -34.04 11.09 20.38
CA THR A 278 -34.50 9.99 21.23
C THR A 278 -33.32 9.49 22.07
N VAL A 279 -33.55 9.29 23.35
CA VAL A 279 -32.58 8.63 24.23
C VAL A 279 -33.16 7.30 24.67
N ALA A 280 -32.37 6.23 24.54
CA ALA A 280 -32.79 4.90 24.95
C ALA A 280 -31.73 4.25 25.84
N ALA A 281 -32.19 3.58 26.89
CA ALA A 281 -31.31 2.71 27.65
C ALA A 281 -31.15 1.42 26.87
N CYS A 282 -29.90 1.03 26.63
CA CYS A 282 -29.63 -0.18 25.87
C CYS A 282 -28.23 -0.64 26.23
N ASP A 283 -28.08 -1.93 26.51
CA ASP A 283 -26.79 -2.57 26.74
C ASP A 283 -26.35 -3.13 25.38
N VAL A 284 -25.44 -2.42 24.71
CA VAL A 284 -25.06 -2.79 23.34
C VAL A 284 -24.25 -4.08 23.27
N THR A 285 -23.89 -4.68 24.41
CA THR A 285 -23.29 -6.00 24.41
C THR A 285 -24.33 -7.08 24.19
N ASP A 286 -25.61 -6.73 24.39
CA ASP A 286 -26.75 -7.64 24.22
C ASP A 286 -27.24 -7.50 22.79
N ARG A 287 -26.88 -8.46 21.94
CA ARG A 287 -27.29 -8.41 20.54
C ARG A 287 -28.81 -8.28 20.42
N GLU A 288 -29.58 -9.05 21.19
CA GLU A 288 -31.03 -9.02 21.02
C GLU A 288 -31.61 -7.67 21.43
N SER A 289 -31.12 -7.07 22.53
CA SER A 289 -31.58 -5.74 22.89
C SER A 289 -31.28 -4.74 21.78
N VAL A 290 -30.09 -4.82 21.17
CA VAL A 290 -29.78 -3.90 20.06
C VAL A 290 -30.70 -4.18 18.88
N ARG A 291 -31.00 -5.47 18.61
CA ARG A 291 -31.89 -5.81 17.52
C ARG A 291 -33.26 -5.17 17.70
N GLU A 292 -33.85 -5.32 18.89
CA GLU A 292 -35.12 -4.66 19.19
C GLU A 292 -35.04 -3.16 18.94
N LEU A 293 -33.95 -2.52 19.37
CA LEU A 293 -33.85 -1.07 19.23
C LEU A 293 -33.88 -0.66 17.76
N LEU A 294 -33.05 -1.29 16.95
CA LEU A 294 -32.99 -0.97 15.52
C LEU A 294 -34.33 -1.25 14.83
N GLY A 295 -35.06 -2.26 15.29
CA GLY A 295 -36.37 -2.53 14.70
C GLY A 295 -37.44 -1.50 15.04
N GLY A 296 -37.23 -0.68 16.07
CA GLY A 296 -38.17 0.38 16.39
C GLY A 296 -37.99 1.68 15.60
N ILE A 297 -37.02 1.72 14.70
CA ILE A 297 -36.75 2.92 13.88
C ILE A 297 -37.78 3.01 12.75
N GLY A 298 -38.38 4.19 12.58
CA GLY A 298 -39.44 4.35 11.61
C GLY A 298 -38.96 4.34 10.18
N ASP A 299 -39.90 4.11 9.26
CA ASP A 299 -39.54 3.96 7.85
C ASP A 299 -39.10 5.27 7.21
N ASP A 300 -39.63 6.40 7.68
CA ASP A 300 -39.28 7.66 7.04
C ASP A 300 -37.93 8.21 7.50
N VAL A 301 -37.40 7.75 8.62
CA VAL A 301 -36.07 8.15 9.09
C VAL A 301 -35.21 6.92 9.29
N PRO A 302 -34.98 6.11 8.26
CA PRO A 302 -34.21 4.88 8.44
C PRO A 302 -32.81 5.17 8.94
N LEU A 303 -32.23 4.21 9.65
CA LEU A 303 -30.88 4.36 10.14
C LEU A 303 -29.93 4.59 8.98
N SER A 304 -29.21 5.71 9.01
CA SER A 304 -28.28 6.02 7.94
C SER A 304 -26.83 6.06 8.39
N ALA A 305 -26.57 6.27 9.68
CA ALA A 305 -25.19 6.29 10.13
C ALA A 305 -25.12 5.79 11.56
N VAL A 306 -23.99 5.17 11.91
CA VAL A 306 -23.68 4.76 13.27
C VAL A 306 -22.40 5.46 13.69
N PHE A 307 -22.39 5.99 14.90
CA PHE A 307 -21.22 6.62 15.52
C PHE A 307 -21.05 5.90 16.84
N HIS A 308 -20.13 4.94 16.85
CA HIS A 308 -19.98 4.03 17.98
C HIS A 308 -18.94 4.63 18.94
N ALA A 309 -19.41 5.45 19.88
CA ALA A 309 -18.53 6.09 20.86
C ALA A 309 -18.64 5.48 22.25
N ALA A 310 -19.21 4.28 22.38
CA ALA A 310 -19.19 3.59 23.67
C ALA A 310 -17.75 3.46 24.20
N ALA A 311 -17.51 3.93 25.41
CA ALA A 311 -16.16 3.95 25.96
C ALA A 311 -15.81 2.65 26.68
N THR A 312 -14.49 2.43 26.81
CA THR A 312 -13.95 1.40 27.67
C THR A 312 -14.20 1.75 29.15
N LEU A 313 -14.73 0.79 29.90
CA LEU A 313 -14.89 0.96 31.33
C LEU A 313 -13.54 1.09 32.03
N ASP A 314 -13.51 1.88 33.11
CA ASP A 314 -12.39 1.89 34.03
C ASP A 314 -12.93 1.97 35.45
N ASP A 315 -12.69 0.94 36.25
CA ASP A 315 -13.17 0.96 37.63
C ASP A 315 -12.24 1.71 38.57
N GLY A 316 -11.08 2.15 38.09
CA GLY A 316 -10.11 2.83 38.94
C GLY A 316 -9.20 1.92 39.73
N THR A 317 -9.04 0.68 39.31
CA THR A 317 -8.20 -0.30 39.98
C THR A 317 -6.92 -0.51 39.17
N VAL A 318 -5.81 -0.79 39.88
CA VAL A 318 -4.53 -0.96 39.23
C VAL A 318 -3.94 -2.34 39.48
N ASP A 319 -4.69 -3.38 39.13
CA ASP A 319 -4.15 -4.75 39.13
C ASP A 319 -3.24 -4.95 37.93
N THR A 320 -2.65 -6.15 37.85
CA THR A 320 -1.93 -6.54 36.65
C THR A 320 -2.91 -6.78 35.52
N LEU A 321 -2.52 -6.38 34.32
CA LEU A 321 -3.36 -6.62 33.15
C LEU A 321 -3.62 -8.11 32.99
N THR A 322 -4.89 -8.47 32.80
CA THR A 322 -5.26 -9.80 32.40
C THR A 322 -6.18 -9.71 31.20
N GLY A 323 -6.15 -10.76 30.37
CA GLY A 323 -7.06 -10.81 29.25
C GLY A 323 -8.51 -10.78 29.70
N GLU A 324 -8.80 -11.44 30.82
CA GLU A 324 -10.17 -11.45 31.35
C GLU A 324 -10.64 -10.04 31.69
N ARG A 325 -9.84 -9.25 32.39
CA ARG A 325 -10.30 -7.92 32.76
C ARG A 325 -10.40 -7.02 31.53
N ILE A 326 -9.51 -7.20 30.55
CA ILE A 326 -9.56 -6.40 29.33
C ILE A 326 -10.84 -6.71 28.56
N GLU A 327 -11.16 -8.00 28.43
CA GLU A 327 -12.39 -8.40 27.74
C GLU A 327 -13.62 -7.78 28.40
N ARG A 328 -13.67 -7.78 29.74
CA ARG A 328 -14.83 -7.20 30.44
C ARG A 328 -14.85 -5.68 30.30
N ALA A 329 -13.70 -5.03 30.54
CA ALA A 329 -13.66 -3.58 30.49
C ALA A 329 -14.10 -3.06 29.12
N SER A 330 -13.76 -3.76 28.05
CA SER A 330 -13.94 -3.25 26.71
C SER A 330 -15.11 -3.89 25.96
N ARG A 331 -16.02 -4.58 26.64
CA ARG A 331 -17.06 -5.34 25.94
C ARG A 331 -18.05 -4.44 25.23
N ALA A 332 -18.51 -3.35 25.87
CA ALA A 332 -19.38 -2.42 25.16
C ALA A 332 -18.73 -1.93 23.86
N LYS A 333 -17.45 -1.51 23.94
CA LYS A 333 -16.74 -1.10 22.74
C LYS A 333 -16.67 -2.24 21.73
N VAL A 334 -16.23 -3.42 22.18
CA VAL A 334 -15.87 -4.49 21.24
C VAL A 334 -17.10 -5.27 20.79
N LEU A 335 -17.82 -5.87 21.74
CA LEU A 335 -19.05 -6.60 21.41
C LEU A 335 -20.11 -5.67 20.85
N GLY A 336 -20.15 -4.40 21.29
CA GLY A 336 -21.10 -3.48 20.72
C GLY A 336 -20.81 -3.24 19.26
N ALA A 337 -19.54 -3.02 18.93
CA ALA A 337 -19.12 -2.87 17.53
C ALA A 337 -19.51 -4.08 16.70
N ARG A 338 -19.25 -5.28 17.19
CA ARG A 338 -19.55 -6.47 16.39
C ARG A 338 -21.05 -6.66 16.27
N ASN A 339 -21.80 -6.41 17.34
CA ASN A 339 -23.25 -6.48 17.25
C ASN A 339 -23.76 -5.51 16.20
N LEU A 340 -23.32 -4.25 16.25
CA LEU A 340 -23.82 -3.26 15.33
C LEU A 340 -23.42 -3.62 13.91
N HIS A 341 -22.20 -4.13 13.74
CA HIS A 341 -21.78 -4.60 12.43
C HIS A 341 -22.71 -5.69 11.91
N GLU A 342 -22.97 -6.73 12.72
CA GLU A 342 -23.83 -7.82 12.27
C GLU A 342 -25.24 -7.34 11.97
N LEU A 343 -25.75 -6.39 12.74
CA LEU A 343 -27.16 -6.03 12.62
C LEU A 343 -27.42 -4.96 11.58
N THR A 344 -26.42 -4.18 11.18
CA THR A 344 -26.59 -3.20 10.12
C THR A 344 -26.03 -3.69 8.79
N ARG A 345 -25.49 -4.89 8.73
CA ARG A 345 -24.89 -5.46 7.53
C ARG A 345 -25.73 -5.25 6.28
N GLU A 346 -27.06 -5.23 6.40
CA GLU A 346 -27.94 -5.15 5.25
C GLU A 346 -28.67 -3.81 5.13
N LEU A 347 -28.26 -2.80 5.89
CA LEU A 347 -28.79 -1.46 5.71
C LEU A 347 -27.86 -0.68 4.78
N ASP A 348 -28.41 0.37 4.18
CA ASP A 348 -27.60 1.23 3.31
C ASP A 348 -27.06 2.40 4.12
N LEU A 349 -26.09 2.08 4.99
CA LEU A 349 -25.49 3.10 5.82
C LEU A 349 -24.56 3.98 4.99
N THR A 350 -24.61 5.30 5.24
CA THR A 350 -23.63 6.21 4.67
C THR A 350 -22.34 6.25 5.48
N ALA A 351 -22.39 5.94 6.77
CA ALA A 351 -21.20 5.96 7.61
C ALA A 351 -21.37 4.98 8.76
N PHE A 352 -20.29 4.30 9.10
CA PHE A 352 -20.25 3.37 10.22
C PHE A 352 -18.90 3.70 10.88
N VAL A 353 -18.95 4.56 11.90
CA VAL A 353 -17.76 5.17 12.47
C VAL A 353 -17.46 4.55 13.83
N LEU A 354 -16.29 3.97 13.98
CA LEU A 354 -15.88 3.39 15.23
C LEU A 354 -14.89 4.33 15.90
N PHE A 355 -15.07 4.57 17.19
CA PHE A 355 -14.23 5.53 17.94
C PHE A 355 -13.09 4.74 18.55
N SER A 356 -11.93 4.83 17.93
CA SER A 356 -10.71 4.20 18.41
C SER A 356 -9.85 5.29 19.08
N SER A 357 -8.57 5.01 19.30
CA SER A 357 -7.81 5.85 20.21
C SER A 357 -6.32 5.85 19.85
N PHE A 358 -5.63 6.93 20.23
CA PHE A 358 -4.18 6.89 20.16
C PHE A 358 -3.61 5.76 21.02
N ALA A 359 -4.38 5.25 21.98
CA ALA A 359 -3.93 4.11 22.79
C ALA A 359 -3.56 2.92 21.92
N SER A 360 -4.30 2.68 20.82
CA SER A 360 -3.87 1.66 19.86
C SER A 360 -3.03 2.20 18.72
N ALA A 361 -3.09 3.50 18.41
CA ALA A 361 -2.32 3.97 17.27
C ALA A 361 -0.81 3.95 17.56
N PHE A 362 -0.40 4.41 18.75
CA PHE A 362 0.97 4.22 19.19
C PHE A 362 1.15 3.76 20.64
N GLY A 363 0.14 3.87 21.50
CA GLY A 363 0.23 3.35 22.84
C GLY A 363 0.92 4.29 23.81
N ALA A 364 0.75 4.00 25.10
CA ALA A 364 1.47 4.73 26.12
C ALA A 364 1.47 3.90 27.39
N PRO A 365 2.45 4.11 28.27
CA PRO A 365 2.37 3.50 29.61
C PRO A 365 1.02 3.80 30.26
N GLY A 366 0.46 2.79 30.93
CA GLY A 366 -0.83 2.92 31.57
C GLY A 366 -2.03 2.64 30.69
N LEU A 367 -1.86 2.58 29.36
CA LEU A 367 -2.99 2.39 28.47
C LEU A 367 -3.13 0.96 27.98
N GLY A 368 -2.47 0.00 28.63
CA GLY A 368 -2.57 -1.37 28.16
C GLY A 368 -3.98 -1.93 28.23
N GLY A 369 -4.81 -1.42 29.15
CA GLY A 369 -6.18 -1.89 29.22
C GLY A 369 -7.10 -1.30 28.18
N TYR A 370 -6.64 -0.27 27.46
CA TYR A 370 -7.45 0.42 26.48
C TYR A 370 -7.07 0.13 25.04
N ALA A 371 -5.78 -0.10 24.76
CA ALA A 371 -5.34 -0.36 23.40
C ALA A 371 -5.99 -1.59 22.76
N PRO A 372 -6.14 -2.74 23.44
CA PRO A 372 -6.69 -3.92 22.74
C PRO A 372 -8.08 -3.70 22.14
N GLY A 373 -8.99 -3.04 22.85
CA GLY A 373 -10.33 -2.87 22.30
C GLY A 373 -10.36 -1.88 21.15
N ASN A 374 -9.53 -0.83 21.21
CA ASN A 374 -9.44 0.12 20.11
C ASN A 374 -8.73 -0.50 18.90
N ALA A 375 -7.70 -1.33 19.12
CA ALA A 375 -7.09 -2.07 18.02
C ALA A 375 -8.12 -2.94 17.30
N TYR A 376 -9.04 -3.56 18.05
CA TYR A 376 -10.06 -4.38 17.43
C TYR A 376 -10.91 -3.57 16.49
N LEU A 377 -11.32 -2.37 16.91
CA LEU A 377 -12.08 -1.48 16.03
C LEU A 377 -11.32 -1.20 14.74
N ASP A 378 -10.04 -0.83 14.87
CA ASP A 378 -9.18 -0.60 13.69
C ASP A 378 -9.31 -1.75 12.70
N GLY A 379 -9.22 -2.98 13.18
CA GLY A 379 -9.29 -4.12 12.29
C GLY A 379 -10.69 -4.38 11.76
N LEU A 380 -11.72 -4.13 12.58
CA LEU A 380 -13.08 -4.38 12.13
C LEU A 380 -13.45 -3.46 10.99
N ALA A 381 -13.01 -2.19 11.04
CA ALA A 381 -13.29 -1.26 9.95
C ALA A 381 -12.60 -1.70 8.66
N GLN A 382 -11.35 -2.15 8.75
CA GLN A 382 -10.65 -2.62 7.56
C GLN A 382 -11.34 -3.85 6.98
N GLN A 383 -11.67 -4.80 7.84
CA GLN A 383 -12.43 -5.99 7.41
C GLN A 383 -13.72 -5.59 6.68
N ARG A 384 -14.51 -4.68 7.26
CA ARG A 384 -15.74 -4.23 6.59
C ARG A 384 -15.45 -3.64 5.21
N ARG A 385 -14.38 -2.83 5.09
CA ARG A 385 -14.10 -2.25 3.80
C ARG A 385 -13.68 -3.31 2.79
N SER A 386 -12.88 -4.30 3.23
CA SER A 386 -12.58 -5.43 2.35
C SER A 386 -13.86 -6.11 1.89
N ASP A 387 -14.87 -6.18 2.74
CA ASP A 387 -16.11 -6.88 2.43
C ASP A 387 -17.14 -5.97 1.77
N GLY A 388 -16.71 -4.80 1.28
CA GLY A 388 -17.62 -3.90 0.59
C GLY A 388 -18.55 -3.09 1.47
N LEU A 389 -18.26 -2.99 2.76
CA LEU A 389 -19.17 -2.27 3.65
C LEU A 389 -18.52 -0.97 4.14
N PRO A 390 -19.31 0.08 4.35
CA PRO A 390 -18.73 1.35 4.83
C PRO A 390 -18.17 1.18 6.23
N ALA A 391 -17.08 1.88 6.50
CA ALA A 391 -16.45 1.81 7.82
C ALA A 391 -15.39 2.89 7.96
N THR A 392 -15.31 3.45 9.16
CA THR A 392 -14.30 4.44 9.54
C THR A 392 -13.89 4.12 10.97
N ALA A 393 -12.62 3.88 11.22
CA ALA A 393 -12.13 3.77 12.60
C ALA A 393 -11.20 4.96 12.87
N VAL A 394 -11.71 5.96 13.60
CA VAL A 394 -10.95 7.17 13.94
C VAL A 394 -10.16 6.92 15.21
N ALA A 395 -8.84 7.00 15.12
CA ALA A 395 -7.97 6.90 16.29
C ALA A 395 -7.82 8.32 16.84
N TRP A 396 -8.59 8.64 17.88
CA TRP A 396 -8.61 9.99 18.43
C TRP A 396 -7.44 10.23 19.37
N GLY A 397 -6.92 11.45 19.31
CA GLY A 397 -6.18 12.00 20.44
C GLY A 397 -7.14 12.44 21.53
N THR A 398 -6.63 13.23 22.46
CA THR A 398 -7.49 13.69 23.55
C THR A 398 -8.40 14.80 23.05
N TRP A 399 -9.55 14.94 23.72
CA TRP A 399 -10.52 15.98 23.43
C TRP A 399 -10.59 16.99 24.57
N ALA A 400 -10.79 18.26 24.23
CA ALA A 400 -11.03 19.28 25.24
C ALA A 400 -12.51 19.31 25.61
N GLY A 401 -12.79 19.84 26.79
CA GLY A 401 -14.16 20.06 27.19
C GLY A 401 -14.86 18.84 27.74
N SER A 402 -15.58 18.14 26.87
CA SER A 402 -16.47 17.07 27.30
C SER A 402 -15.68 15.82 27.67
N GLY A 403 -15.73 15.43 28.95
CA GLY A 403 -15.17 14.18 29.42
C GLY A 403 -13.69 14.26 29.74
N MET A 404 -13.19 13.19 30.36
CA MET A 404 -11.76 13.06 30.64
C MET A 404 -11.41 13.63 32.01
N ALA A 405 -10.98 12.77 32.93
CA ALA A 405 -10.58 13.21 34.26
C ALA A 405 -9.34 14.10 34.17
N GLU A 406 -9.25 15.05 35.10
CA GLU A 406 -8.26 16.11 34.99
C GLU A 406 -6.85 15.66 35.38
N GLY A 407 -6.73 14.70 36.31
CA GLY A 407 -5.57 14.56 37.14
C GLY A 407 -4.24 14.19 36.49
N PRO A 408 -3.41 13.46 37.26
CA PRO A 408 -2.01 13.25 36.83
C PRO A 408 -1.83 12.53 35.51
N VAL A 409 -2.84 11.79 35.03
CA VAL A 409 -2.68 11.09 33.76
C VAL A 409 -2.89 12.03 32.59
N ALA A 410 -4.01 12.77 32.57
CA ALA A 410 -4.31 13.69 31.47
C ALA A 410 -3.34 14.87 31.43
N ASP A 411 -2.84 15.32 32.58
CA ASP A 411 -1.75 16.29 32.59
C ASP A 411 -0.49 15.68 32.00
N ARG A 412 -0.29 14.38 32.21
CA ARG A 412 0.90 13.71 31.72
C ARG A 412 0.90 13.64 30.20
N PHE A 413 -0.26 13.41 29.58
CA PHE A 413 -0.34 13.40 28.12
C PHE A 413 0.01 14.76 27.54
N ARG A 414 -0.60 15.82 28.08
CA ARG A 414 -0.28 17.17 27.62
C ARG A 414 1.20 17.50 27.82
N ARG A 415 1.75 17.13 28.97
CA ARG A 415 3.18 17.29 29.21
C ARG A 415 3.98 16.56 28.14
N HIS A 416 3.53 15.38 27.72
CA HIS A 416 4.24 14.61 26.71
C HIS A 416 3.87 15.04 25.29
N GLY A 417 3.17 16.15 25.12
CA GLY A 417 3.00 16.72 23.81
C GLY A 417 1.77 16.29 23.06
N VAL A 418 0.80 15.68 23.72
CA VAL A 418 -0.49 15.42 23.10
C VAL A 418 -1.47 16.44 23.65
N ILE A 419 -1.93 17.34 22.80
CA ILE A 419 -2.72 18.50 23.21
C ILE A 419 -4.19 18.23 22.93
N GLU A 420 -5.05 18.55 23.90
CA GLU A 420 -6.48 18.31 23.72
C GLU A 420 -7.00 19.07 22.51
N MET A 421 -7.91 18.45 21.80
CA MET A 421 -8.50 19.05 20.61
C MET A 421 -9.81 19.74 20.99
N PRO A 422 -10.05 20.96 20.53
CA PRO A 422 -11.40 21.51 20.61
C PRO A 422 -12.38 20.60 19.89
N PRO A 423 -13.56 20.38 20.46
CA PRO A 423 -14.53 19.48 19.80
C PRO A 423 -14.86 19.92 18.38
N GLU A 424 -15.05 21.21 18.17
CA GLU A 424 -15.31 21.76 16.84
C GLU A 424 -14.25 21.35 15.82
N THR A 425 -12.97 21.39 16.21
CA THR A 425 -11.89 21.04 15.28
C THR A 425 -11.83 19.52 15.03
N ALA A 426 -12.04 18.72 16.06
CA ALA A 426 -12.01 17.28 15.87
C ALA A 426 -13.13 16.83 14.94
N CYS A 427 -14.35 17.36 15.15
CA CYS A 427 -15.46 17.03 14.26
C CYS A 427 -15.20 17.48 12.82
N ARG A 428 -14.53 18.63 12.63
CA ARG A 428 -14.16 19.01 11.26
C ARG A 428 -13.18 18.01 10.66
N ALA A 429 -12.25 17.50 11.48
CA ALA A 429 -11.36 16.43 10.98
C ALA A 429 -12.16 15.20 10.56
N LEU A 430 -13.18 14.85 11.35
CA LEU A 430 -14.01 13.69 11.01
C LEU A 430 -14.78 13.92 9.72
N GLN A 431 -15.39 15.11 9.57
CA GLN A 431 -16.04 15.50 8.32
C GLN A 431 -15.12 15.26 7.13
N ASN A 432 -13.87 15.77 7.20
CA ASN A 432 -12.95 15.57 6.08
C ASN A 432 -12.63 14.10 5.88
N ALA A 433 -12.50 13.34 6.97
CA ALA A 433 -12.18 11.91 6.82
C ALA A 433 -13.35 11.18 6.17
N LEU A 434 -14.58 11.54 6.55
CA LEU A 434 -15.73 10.93 5.91
C LEU A 434 -15.83 11.33 4.43
N ASP A 435 -15.62 12.62 4.13
CA ASP A 435 -15.75 13.05 2.74
C ASP A 435 -14.74 12.35 1.83
N ARG A 436 -13.62 11.93 2.38
CA ARG A 436 -12.57 11.25 1.63
C ARG A 436 -12.63 9.74 1.77
N ALA A 437 -13.60 9.21 2.53
CA ALA A 437 -13.74 7.76 2.74
C ALA A 437 -12.44 7.12 3.25
N GLU A 438 -11.78 7.79 4.19
CA GLU A 438 -10.62 7.17 4.82
C GLU A 438 -11.07 6.07 5.79
N VAL A 439 -10.32 4.97 5.83
CA VAL A 439 -10.75 3.82 6.62
C VAL A 439 -10.28 3.96 8.05
N CYS A 440 -9.03 4.40 8.25
CA CYS A 440 -8.42 4.47 9.59
C CYS A 440 -7.73 5.81 9.82
N PRO A 441 -8.46 6.92 9.72
CA PRO A 441 -7.84 8.22 10.00
C PRO A 441 -7.39 8.30 11.45
N ILE A 442 -6.22 8.89 11.65
CA ILE A 442 -5.71 9.28 12.96
C ILE A 442 -5.88 10.79 13.05
N VAL A 443 -6.47 11.25 14.15
CA VAL A 443 -6.78 12.67 14.36
C VAL A 443 -6.28 13.05 15.74
N ILE A 444 -5.16 13.78 15.79
CA ILE A 444 -4.50 14.04 17.07
C ILE A 444 -3.63 15.28 16.91
N ASP A 445 -3.55 16.08 17.97
CA ASP A 445 -2.63 17.21 18.04
C ASP A 445 -1.37 16.77 18.78
N VAL A 446 -0.25 16.71 18.07
CA VAL A 446 1.03 16.27 18.62
C VAL A 446 2.02 17.43 18.49
N ARG A 447 2.70 17.76 19.58
CA ARG A 447 3.88 18.64 19.52
C ARG A 447 5.10 17.72 19.43
N TRP A 448 5.62 17.56 18.22
CA TRP A 448 6.58 16.49 17.98
C TRP A 448 7.87 16.68 18.77
N ASP A 449 8.33 17.93 18.93
CA ASP A 449 9.57 18.16 19.67
C ASP A 449 9.50 17.49 21.03
N ARG A 450 8.41 17.69 21.75
CA ARG A 450 8.26 17.07 23.07
C ARG A 450 7.94 15.59 22.97
N PHE A 451 6.94 15.25 22.14
CA PHE A 451 6.39 13.90 22.17
C PHE A 451 7.46 12.84 21.90
N LEU A 452 8.32 13.08 20.90
CA LEU A 452 9.28 12.05 20.50
C LEU A 452 10.23 11.69 21.62
N LEU A 453 10.68 12.68 22.39
CA LEU A 453 11.61 12.40 23.48
C LEU A 453 10.91 11.67 24.62
N ALA A 454 9.63 11.96 24.84
CA ALA A 454 8.89 11.15 25.81
C ALA A 454 8.67 9.73 25.29
N TYR A 455 8.36 9.60 24.01
CA TYR A 455 8.05 8.27 23.47
C TYR A 455 9.28 7.37 23.40
N THR A 456 10.47 7.94 23.22
CA THR A 456 11.68 7.14 23.05
C THR A 456 12.60 7.26 24.27
N ALA A 457 12.05 7.64 25.42
CA ALA A 457 12.85 7.80 26.64
C ALA A 457 13.51 6.49 27.06
N GLN A 458 12.82 5.37 26.92
CA GLN A 458 13.36 4.08 27.33
C GLN A 458 13.58 3.10 26.17
N ARG A 459 13.23 3.46 24.95
CA ARG A 459 13.25 2.47 23.87
C ARG A 459 13.19 3.19 22.53
N PRO A 460 14.14 2.93 21.63
CA PRO A 460 14.05 3.52 20.29
C PRO A 460 12.84 2.98 19.54
N THR A 461 12.47 3.69 18.49
CA THR A 461 11.40 3.25 17.62
C THR A 461 11.68 3.74 16.21
N ARG A 462 11.15 3.02 15.23
CA ARG A 462 11.15 3.47 13.85
C ARG A 462 9.78 3.92 13.41
N LEU A 463 8.78 3.83 14.30
CA LEU A 463 7.40 4.09 13.94
C LEU A 463 7.20 5.49 13.35
N PHE A 464 8.06 6.43 13.71
CA PHE A 464 7.88 7.81 13.29
C PHE A 464 8.95 8.28 12.29
N ASP A 465 9.61 7.33 11.63
CA ASP A 465 10.69 7.67 10.69
C ASP A 465 10.21 8.50 9.50
N GLU A 466 8.93 8.40 9.12
CA GLU A 466 8.45 9.07 7.92
C GLU A 466 7.85 10.45 8.18
N ILE A 467 7.81 10.90 9.44
CA ILE A 467 7.27 12.21 9.78
C ILE A 467 8.43 13.20 9.84
N ASP A 468 8.38 14.22 8.97
CA ASP A 468 9.44 15.22 8.91
C ASP A 468 9.64 15.91 10.26
N ASP A 469 8.55 16.39 10.87
CA ASP A 469 8.61 16.99 12.19
C ASP A 469 9.33 16.11 13.19
N ALA A 470 9.35 14.80 12.96
CA ALA A 470 9.99 13.89 13.90
C ALA A 470 11.52 13.95 13.81
N ARG A 471 12.07 14.35 12.67
CA ARG A 471 13.53 14.36 12.52
C ARG A 471 14.13 15.74 12.84
N GLU B 3 11.39 4.06 3.66
CA GLU B 3 12.15 3.60 2.51
C GLU B 3 12.47 4.79 1.61
N VAL B 4 13.49 4.65 0.76
CA VAL B 4 13.87 5.71 -0.15
C VAL B 4 12.73 5.97 -1.13
N GLN B 5 12.33 7.23 -1.28
CA GLN B 5 11.26 7.61 -2.21
C GLN B 5 11.63 8.87 -2.97
N LEU B 6 11.32 8.86 -4.26
CA LEU B 6 11.46 10.02 -5.15
C LEU B 6 10.10 10.26 -5.78
N VAL B 7 9.36 11.25 -5.29
CA VAL B 7 8.00 11.50 -5.77
C VAL B 7 8.05 12.63 -6.78
N GLN B 8 7.70 12.31 -8.02
CA GLN B 8 7.87 13.23 -9.13
C GLN B 8 6.56 13.95 -9.47
N SER B 9 6.68 15.23 -9.83
CA SER B 9 5.57 16.09 -10.26
C SER B 9 5.95 16.85 -11.52
N GLY B 10 4.93 17.32 -12.22
CA GLY B 10 5.09 18.40 -13.18
C GLY B 10 5.14 18.02 -14.64
N GLY B 11 4.65 16.85 -15.03
CA GLY B 11 4.61 16.49 -16.44
C GLY B 11 3.35 17.00 -17.15
N GLY B 12 3.23 16.58 -18.42
CA GLY B 12 2.07 16.88 -19.21
C GLY B 12 2.47 17.36 -20.59
N VAL B 13 1.53 18.09 -21.24
CA VAL B 13 1.76 18.62 -22.57
C VAL B 13 2.38 20.00 -22.46
N VAL B 14 3.28 20.32 -23.37
CA VAL B 14 3.88 21.66 -23.44
C VAL B 14 4.14 21.98 -24.91
N GLN B 15 3.92 23.23 -25.28
CA GLN B 15 4.00 23.62 -26.69
C GLN B 15 5.47 23.76 -27.11
N PRO B 16 5.81 23.40 -28.34
CA PRO B 16 7.20 23.57 -28.80
C PRO B 16 7.66 24.99 -28.54
N GLY B 17 8.91 25.12 -28.09
CA GLY B 17 9.48 26.41 -27.81
C GLY B 17 9.22 26.96 -26.43
N ARG B 18 8.26 26.40 -25.70
CA ARG B 18 7.91 26.90 -24.39
C ARG B 18 8.68 26.13 -23.31
N SER B 19 8.36 26.39 -22.05
CA SER B 19 9.11 25.96 -20.88
C SER B 19 8.29 24.99 -20.04
N LEU B 20 8.99 24.19 -19.23
CA LEU B 20 8.33 23.33 -18.25
C LEU B 20 9.28 23.04 -17.10
N ARG B 21 8.75 23.00 -15.89
CA ARG B 21 9.54 22.76 -14.69
C ARG B 21 9.10 21.45 -14.05
N LEU B 22 10.03 20.51 -13.93
CA LEU B 22 9.77 19.23 -13.27
C LEU B 22 10.30 19.33 -11.86
N SER B 23 9.64 18.67 -10.93
CA SER B 23 10.16 18.62 -9.57
C SER B 23 10.12 17.18 -9.07
N CYS B 24 10.95 16.91 -8.06
CA CYS B 24 11.06 15.58 -7.49
C CYS B 24 11.27 15.75 -5.99
N ALA B 25 10.29 15.32 -5.20
CA ALA B 25 10.33 15.47 -3.75
C ALA B 25 10.85 14.18 -3.13
N ALA B 26 11.91 14.30 -2.33
CA ALA B 26 12.64 13.15 -1.83
C ALA B 26 12.30 12.90 -0.37
N SER B 27 12.25 11.62 0.00
CA SER B 27 12.03 11.26 1.39
C SER B 27 12.75 9.96 1.69
N GLY B 28 12.96 9.71 2.98
CA GLY B 28 13.50 8.44 3.39
C GLY B 28 15.00 8.37 3.36
N PHE B 29 15.69 9.50 3.23
CA PHE B 29 17.14 9.60 3.28
C PHE B 29 17.47 11.08 3.46
N THR B 30 18.73 11.37 3.81
CA THR B 30 19.13 12.75 4.06
C THR B 30 19.46 13.42 2.71
N PHE B 31 18.48 14.13 2.16
CA PHE B 31 18.55 14.63 0.78
C PHE B 31 19.87 15.34 0.50
N SER B 32 20.33 16.18 1.43
CA SER B 32 21.49 17.02 1.18
C SER B 32 22.81 16.25 1.15
N SER B 33 22.81 14.94 1.38
CA SER B 33 24.03 14.14 1.33
C SER B 33 24.19 13.40 0.01
N TYR B 34 23.36 13.68 -0.99
CA TYR B 34 23.32 12.86 -2.20
C TYR B 34 23.26 13.75 -3.44
N ALA B 35 24.17 13.53 -4.37
CA ALA B 35 24.01 14.05 -5.73
C ALA B 35 22.74 13.47 -6.36
N MET B 36 22.15 14.23 -7.29
CA MET B 36 20.88 13.89 -7.91
C MET B 36 21.01 14.02 -9.43
N HIS B 37 20.45 13.07 -10.16
CA HIS B 37 20.49 13.04 -11.62
C HIS B 37 19.10 13.22 -12.20
N TRP B 38 19.04 13.68 -13.46
CA TRP B 38 17.85 13.50 -14.30
C TRP B 38 18.25 12.66 -15.50
N VAL B 39 17.38 11.73 -15.89
CA VAL B 39 17.54 10.87 -17.05
C VAL B 39 16.21 10.85 -17.81
N ARG B 40 16.28 10.72 -19.13
CA ARG B 40 15.06 10.67 -19.91
C ARG B 40 15.08 9.49 -20.88
N GLN B 41 13.87 9.09 -21.26
CA GLN B 41 13.66 7.97 -22.17
C GLN B 41 12.46 8.30 -23.06
N ALA B 42 12.71 8.56 -24.33
CA ALA B 42 11.62 8.63 -25.28
C ALA B 42 10.97 7.25 -25.41
N PRO B 43 9.65 7.16 -25.59
CA PRO B 43 8.96 5.88 -25.45
C PRO B 43 9.50 4.85 -26.45
N GLY B 44 9.76 3.64 -25.94
CA GLY B 44 10.34 2.59 -26.75
C GLY B 44 11.81 2.78 -27.09
N LYS B 45 12.46 3.84 -26.64
CA LYS B 45 13.85 4.09 -27.00
C LYS B 45 14.75 3.96 -25.76
N GLY B 46 16.02 4.33 -25.92
CA GLY B 46 17.02 4.05 -24.91
C GLY B 46 17.14 5.14 -23.86
N LEU B 47 17.86 4.83 -22.79
CA LEU B 47 18.06 5.81 -21.73
C LEU B 47 19.04 6.88 -22.21
N GLU B 48 18.73 8.15 -21.89
CA GLU B 48 19.59 9.27 -22.23
C GLU B 48 19.81 10.11 -20.99
N TRP B 49 21.05 10.17 -20.52
CA TRP B 49 21.39 11.00 -19.37
C TRP B 49 21.20 12.48 -19.70
N VAL B 50 20.67 13.23 -18.74
CA VAL B 50 20.33 14.64 -18.93
C VAL B 50 21.24 15.56 -18.13
N ALA B 51 21.42 15.28 -16.84
CA ALA B 51 22.10 16.23 -15.96
C ALA B 51 22.30 15.63 -14.57
N VAL B 52 23.28 16.18 -13.85
CA VAL B 52 23.49 15.83 -12.45
C VAL B 52 23.85 17.09 -11.69
N ILE B 53 23.53 17.09 -10.40
CA ILE B 53 23.86 18.18 -9.50
C ILE B 53 24.44 17.58 -8.22
N SER B 54 25.49 18.20 -7.71
CA SER B 54 26.19 17.61 -6.57
C SER B 54 25.35 17.81 -5.30
N TYR B 55 25.72 17.03 -4.27
CA TYR B 55 24.95 17.00 -3.02
C TYR B 55 24.69 18.40 -2.45
N ASP B 56 25.68 19.28 -2.52
CA ASP B 56 25.54 20.64 -2.00
C ASP B 56 25.21 21.67 -3.09
N GLY B 57 24.99 21.26 -4.34
CA GLY B 57 24.56 22.17 -5.39
C GLY B 57 25.66 23.00 -6.06
N SER B 58 26.91 22.90 -5.63
CA SER B 58 27.96 23.73 -6.22
C SER B 58 28.50 23.19 -7.56
N ASN B 59 28.17 21.96 -7.95
CA ASN B 59 28.61 21.43 -9.24
C ASN B 59 27.40 20.92 -9.99
N LYS B 60 27.37 21.21 -11.28
CA LYS B 60 26.29 20.80 -12.17
C LYS B 60 26.92 20.40 -13.51
N TYR B 61 26.40 19.33 -14.11
CA TYR B 61 26.82 18.95 -15.46
C TYR B 61 25.58 18.59 -16.27
N TYR B 62 25.68 18.78 -17.58
CA TYR B 62 24.55 18.62 -18.49
C TYR B 62 25.02 17.88 -19.72
N ALA B 63 24.11 17.10 -20.32
CA ALA B 63 24.40 16.52 -21.63
C ALA B 63 24.48 17.63 -22.69
N ASP B 64 25.33 17.41 -23.68
CA ASP B 64 25.37 18.32 -24.84
C ASP B 64 23.98 18.59 -25.41
N SER B 65 23.13 17.56 -25.50
CA SER B 65 21.84 17.71 -26.17
C SER B 65 20.90 18.67 -25.44
N VAL B 66 21.17 18.98 -24.17
CA VAL B 66 20.35 19.94 -23.42
C VAL B 66 21.16 21.15 -22.93
N LYS B 67 22.47 21.19 -23.12
CA LYS B 67 23.25 22.28 -22.57
C LYS B 67 22.83 23.62 -23.18
N GLY B 68 22.61 24.60 -22.33
CA GLY B 68 22.12 25.89 -22.76
C GLY B 68 20.61 26.02 -22.81
N ARG B 69 19.87 24.93 -22.65
CA ARG B 69 18.42 25.02 -22.56
C ARG B 69 17.86 24.59 -21.22
N PHE B 70 18.54 23.69 -20.50
CA PHE B 70 18.00 23.18 -19.24
C PHE B 70 18.82 23.71 -18.08
N THR B 71 18.16 23.89 -16.95
CA THR B 71 18.80 24.24 -15.68
C THR B 71 18.36 23.25 -14.64
N ILE B 72 19.33 22.54 -14.04
CA ILE B 72 19.09 21.66 -12.90
C ILE B 72 19.43 22.46 -11.65
N SER B 73 18.64 22.25 -10.58
CA SER B 73 18.79 22.96 -9.34
C SER B 73 18.16 22.12 -8.23
N ARG B 74 18.44 22.48 -6.97
CA ARG B 74 17.86 21.76 -5.85
C ARG B 74 17.61 22.71 -4.68
N ASP B 75 16.66 22.34 -3.83
CA ASP B 75 16.36 23.08 -2.61
C ASP B 75 16.54 22.12 -1.45
N ASN B 76 17.70 22.20 -0.79
CA ASN B 76 18.01 21.22 0.24
C ASN B 76 17.23 21.45 1.53
N SER B 77 16.56 22.59 1.66
CA SER B 77 15.66 22.80 2.79
C SER B 77 14.24 22.31 2.50
N LYS B 78 13.94 21.93 1.26
CA LYS B 78 12.64 21.38 0.91
C LYS B 78 12.74 19.95 0.41
N ASN B 79 13.92 19.35 0.50
CA ASN B 79 14.14 17.99 0.02
C ASN B 79 13.61 17.81 -1.40
N THR B 80 13.85 18.81 -2.26
CA THR B 80 13.27 18.83 -3.60
C THR B 80 14.34 19.06 -4.66
N LEU B 81 14.19 18.34 -5.78
CA LEU B 81 15.04 18.47 -6.96
C LEU B 81 14.24 19.08 -8.11
N TYR B 82 14.88 19.95 -8.92
CA TYR B 82 14.19 20.58 -10.05
C TYR B 82 14.96 20.38 -11.36
N LEU B 83 14.20 20.34 -12.46
CA LEU B 83 14.74 20.46 -13.80
C LEU B 83 13.89 21.49 -14.52
N GLN B 84 14.50 22.62 -14.86
CA GLN B 84 13.82 23.69 -15.59
C GLN B 84 14.18 23.52 -17.07
N MET B 85 13.17 23.24 -17.89
CA MET B 85 13.37 22.90 -19.30
C MET B 85 12.82 24.02 -20.17
N ASN B 86 13.66 24.53 -21.09
CA ASN B 86 13.29 25.66 -21.93
C ASN B 86 13.55 25.32 -23.39
N SER B 87 12.93 26.10 -24.29
CA SER B 87 13.03 25.90 -25.73
C SER B 87 12.83 24.45 -26.11
N LEU B 88 11.73 23.87 -25.63
CA LEU B 88 11.47 22.46 -25.84
C LEU B 88 11.08 22.18 -27.29
N ARG B 89 11.54 21.06 -27.80
CA ARG B 89 11.19 20.58 -29.14
C ARG B 89 10.59 19.19 -29.03
N ALA B 90 10.16 18.66 -30.18
CA ALA B 90 9.59 17.31 -30.21
C ALA B 90 10.61 16.25 -29.80
N GLU B 91 11.90 16.50 -30.06
CA GLU B 91 12.95 15.58 -29.65
C GLU B 91 13.02 15.41 -28.13
N ASP B 92 12.49 16.36 -27.37
CA ASP B 92 12.54 16.34 -25.92
C ASP B 92 11.41 15.53 -25.29
N THR B 93 10.49 14.99 -26.09
CA THR B 93 9.38 14.21 -25.55
C THR B 93 9.91 12.91 -24.96
N ALA B 94 9.63 12.67 -23.68
CA ALA B 94 10.18 11.51 -23.02
C ALA B 94 9.58 11.37 -21.63
N VAL B 95 9.77 10.19 -21.05
CA VAL B 95 9.63 10.01 -19.62
C VAL B 95 10.90 10.50 -18.94
N TYR B 96 10.76 11.40 -17.97
CA TYR B 96 11.89 12.01 -17.28
C TYR B 96 11.98 11.41 -15.88
N TYR B 97 13.12 10.81 -15.58
CA TYR B 97 13.37 10.14 -14.31
C TYR B 97 14.26 11.01 -13.43
N CYS B 98 13.79 11.25 -12.21
CA CYS B 98 14.62 11.60 -11.06
C CYS B 98 15.42 10.37 -10.65
N ALA B 99 16.69 10.56 -10.25
CA ALA B 99 17.49 9.43 -9.77
C ALA B 99 18.58 9.89 -8.81
N ARG B 100 18.75 9.14 -7.73
CA ARG B 100 19.67 9.48 -6.66
C ARG B 100 21.00 8.73 -6.84
N ALA B 101 22.12 9.48 -6.72
CA ALA B 101 23.45 8.93 -6.59
C ALA B 101 23.59 8.23 -5.24
N PRO B 102 24.67 7.47 -5.04
CA PRO B 102 24.97 6.99 -3.68
C PRO B 102 25.44 8.13 -2.79
N ILE B 103 25.46 7.85 -1.48
CA ILE B 103 25.73 8.90 -0.51
C ILE B 103 27.13 9.48 -0.70
N GLN B 104 27.23 10.80 -0.53
CA GLN B 104 28.50 11.52 -0.64
C GLN B 104 29.53 11.04 0.38
N VAL B 105 30.75 10.76 -0.07
CA VAL B 105 31.86 10.39 0.81
C VAL B 105 32.89 11.50 0.90
N MET B 106 33.30 12.07 -0.24
CA MET B 106 34.28 13.14 -0.29
C MET B 106 33.62 14.49 -0.53
N VAL B 107 34.36 15.56 -0.22
CA VAL B 107 33.79 16.89 -0.35
C VAL B 107 33.47 17.23 -1.79
N ARG B 108 34.07 16.55 -2.77
CA ARG B 108 33.74 16.80 -4.16
C ARG B 108 33.73 15.50 -4.95
N GLY B 109 32.75 15.36 -5.84
CA GLY B 109 32.69 14.20 -6.72
C GLY B 109 31.31 13.57 -6.83
N VAL B 110 30.92 13.15 -8.03
CA VAL B 110 29.59 12.56 -8.25
C VAL B 110 29.76 11.13 -8.75
N MET B 111 28.72 10.33 -8.55
N MET B 111 28.72 10.34 -8.55
CA MET B 111 28.68 8.96 -9.04
CA MET B 111 28.63 8.97 -9.01
C MET B 111 27.31 8.70 -9.66
C MET B 111 27.34 8.81 -9.82
N ALA B 112 27.25 7.70 -10.53
CA ALA B 112 26.03 7.38 -11.25
C ALA B 112 24.94 6.89 -10.31
N PRO B 113 23.67 7.00 -10.71
CA PRO B 113 22.55 6.71 -9.80
C PRO B 113 22.55 5.29 -9.23
N ASP B 114 22.10 5.16 -7.98
CA ASP B 114 21.76 3.83 -7.44
C ASP B 114 20.29 3.66 -7.13
N TYR B 115 19.46 4.69 -7.28
CA TYR B 115 18.03 4.58 -7.07
C TYR B 115 17.29 5.52 -8.02
N TRP B 116 16.22 5.03 -8.64
CA TRP B 116 15.47 5.75 -9.66
C TRP B 116 14.02 5.98 -9.24
N GLY B 117 13.48 7.16 -9.58
CA GLY B 117 12.05 7.42 -9.46
C GLY B 117 11.23 6.74 -10.56
N GLN B 118 9.90 6.88 -10.44
CA GLN B 118 8.94 6.27 -11.36
C GLN B 118 8.85 6.98 -12.70
N GLY B 119 9.25 8.24 -12.78
CA GLY B 119 9.26 8.95 -14.05
C GLY B 119 8.00 9.78 -14.27
N THR B 120 8.13 10.83 -15.08
CA THR B 120 6.97 11.60 -15.52
C THR B 120 7.11 11.88 -17.00
N LEU B 121 6.02 11.65 -17.75
CA LEU B 121 6.01 11.85 -19.20
C LEU B 121 5.86 13.34 -19.52
N VAL B 122 6.79 13.88 -20.30
CA VAL B 122 6.64 15.20 -20.88
C VAL B 122 6.36 15.03 -22.36
N THR B 123 5.29 15.65 -22.84
CA THR B 123 4.88 15.59 -24.24
C THR B 123 4.95 16.99 -24.83
N VAL B 124 5.83 17.18 -25.81
CA VAL B 124 5.96 18.45 -26.50
C VAL B 124 5.08 18.40 -27.75
N SER B 125 3.96 19.12 -27.73
CA SER B 125 3.00 19.01 -28.81
C SER B 125 2.17 20.30 -28.94
N SER B 126 1.66 20.53 -30.16
CA SER B 126 0.66 21.56 -30.35
C SER B 126 -0.73 21.08 -29.95
N ALA B 127 -0.94 19.77 -30.00
CA ALA B 127 -2.23 19.17 -29.69
C ALA B 127 -2.68 19.53 -28.28
N SER B 128 -4.00 19.60 -28.10
CA SER B 128 -4.60 20.01 -26.84
C SER B 128 -4.85 18.83 -25.92
N THR B 129 -4.81 19.08 -24.61
CA THR B 129 -5.14 18.06 -23.63
C THR B 129 -6.63 17.74 -23.68
N LYS B 130 -6.96 16.45 -23.57
CA LYS B 130 -8.34 16.00 -23.59
C LYS B 130 -8.53 14.85 -22.60
N GLY B 131 -9.50 15.00 -21.71
CA GLY B 131 -9.87 13.95 -20.78
C GLY B 131 -10.69 12.84 -21.41
N PRO B 132 -10.67 11.66 -20.79
CA PRO B 132 -11.28 10.49 -21.41
C PRO B 132 -12.74 10.31 -21.05
N SER B 133 -13.44 9.56 -21.91
CA SER B 133 -14.77 9.05 -21.60
C SER B 133 -14.63 7.62 -21.11
N VAL B 134 -15.37 7.27 -20.05
CA VAL B 134 -15.25 5.96 -19.43
C VAL B 134 -16.56 5.21 -19.61
N PHE B 135 -16.48 3.98 -20.12
CA PHE B 135 -17.68 3.17 -20.32
C PHE B 135 -17.49 1.82 -19.66
N PRO B 136 -18.55 1.25 -19.09
CA PRO B 136 -18.43 -0.07 -18.46
C PRO B 136 -18.44 -1.15 -19.51
N LEU B 137 -17.62 -2.18 -19.29
CA LEU B 137 -17.63 -3.39 -20.11
C LEU B 137 -18.24 -4.50 -19.27
N ALA B 138 -19.51 -4.80 -19.52
CA ALA B 138 -20.30 -5.70 -18.69
C ALA B 138 -19.86 -7.15 -18.89
N PRO B 139 -19.93 -7.96 -17.84
CA PRO B 139 -19.65 -9.40 -18.00
C PRO B 139 -20.75 -10.07 -18.77
N SER B 140 -20.37 -11.10 -19.53
CA SER B 140 -21.30 -11.75 -20.44
C SER B 140 -21.18 -13.25 -20.42
N THR B 148 -15.29 -18.36 -13.97
CA THR B 148 -14.63 -17.06 -14.18
C THR B 148 -15.41 -16.23 -15.19
N ALA B 149 -15.37 -14.90 -15.02
CA ALA B 149 -16.08 -13.97 -15.89
C ALA B 149 -15.25 -12.71 -16.05
N ALA B 150 -15.18 -12.21 -17.27
CA ALA B 150 -14.37 -11.03 -17.60
C ALA B 150 -15.25 -9.80 -17.69
N LEU B 151 -14.89 -8.77 -16.94
CA LEU B 151 -15.59 -7.51 -16.99
C LEU B 151 -14.54 -6.42 -17.00
N GLY B 152 -14.93 -5.24 -17.43
CA GLY B 152 -13.95 -4.19 -17.41
C GLY B 152 -14.41 -2.77 -17.64
N CYS B 153 -13.50 -1.98 -18.21
CA CYS B 153 -13.62 -0.53 -18.23
C CYS B 153 -12.96 -0.03 -19.51
N LEU B 154 -13.72 0.65 -20.38
CA LEU B 154 -13.17 1.22 -21.61
C LEU B 154 -12.95 2.71 -21.40
N VAL B 155 -11.70 3.15 -21.54
CA VAL B 155 -11.28 4.53 -21.32
C VAL B 155 -10.88 5.08 -22.69
N LYS B 156 -11.73 5.88 -23.31
CA LYS B 156 -11.54 6.20 -24.72
C LYS B 156 -11.35 7.70 -24.95
N ASP B 157 -10.54 8.00 -25.95
CA ASP B 157 -10.34 9.34 -26.50
C ASP B 157 -9.71 10.31 -25.50
N TYR B 158 -8.45 10.07 -25.12
CA TYR B 158 -7.73 10.99 -24.27
C TYR B 158 -6.38 11.32 -24.89
N PHE B 159 -5.83 12.44 -24.45
CA PHE B 159 -4.50 12.88 -24.84
C PHE B 159 -4.02 13.86 -23.79
N PRO B 160 -2.75 13.78 -23.36
CA PRO B 160 -1.75 12.79 -23.77
C PRO B 160 -1.82 11.58 -22.86
N GLU B 161 -0.88 10.65 -23.02
CA GLU B 161 -0.67 9.64 -21.99
C GLU B 161 -0.14 10.33 -20.72
N PRO B 162 -0.21 9.66 -19.56
CA PRO B 162 -0.78 8.34 -19.28
C PRO B 162 -2.16 8.40 -18.62
N VAL B 163 -2.79 7.23 -18.53
CA VAL B 163 -3.99 7.00 -17.74
C VAL B 163 -3.69 5.85 -16.81
N THR B 164 -4.11 5.96 -15.55
CA THR B 164 -4.04 4.85 -14.61
C THR B 164 -5.43 4.35 -14.29
N VAL B 165 -5.55 3.04 -14.06
CA VAL B 165 -6.82 2.45 -13.69
C VAL B 165 -6.60 1.53 -12.50
N SER B 166 -7.38 1.72 -11.44
CA SER B 166 -7.41 0.80 -10.33
C SER B 166 -8.82 0.21 -10.23
N TRP B 167 -8.98 -0.81 -9.40
CA TRP B 167 -10.28 -1.44 -9.21
C TRP B 167 -10.59 -1.46 -7.73
N ASN B 168 -11.79 -0.98 -7.39
CA ASN B 168 -12.24 -0.88 -5.99
C ASN B 168 -11.19 -0.16 -5.14
N SER B 169 -10.77 1.02 -5.61
CA SER B 169 -9.82 1.87 -4.88
C SER B 169 -8.55 1.11 -4.49
N GLY B 170 -8.13 0.14 -5.31
CA GLY B 170 -6.90 -0.57 -5.08
C GLY B 170 -7.02 -1.88 -4.31
N ALA B 171 -8.23 -2.24 -3.86
CA ALA B 171 -8.43 -3.50 -3.14
C ALA B 171 -8.46 -4.71 -4.06
N LEU B 172 -8.80 -4.53 -5.33
CA LEU B 172 -8.87 -5.63 -6.28
C LEU B 172 -7.65 -5.55 -7.18
N THR B 173 -6.79 -6.55 -7.10
CA THR B 173 -5.55 -6.57 -7.86
C THR B 173 -5.38 -7.87 -8.63
N SER B 174 -5.94 -8.97 -8.08
CA SER B 174 -5.77 -10.29 -8.67
C SER B 174 -6.56 -10.39 -9.97
N GLY B 175 -5.86 -10.75 -11.05
CA GLY B 175 -6.53 -10.87 -12.33
C GLY B 175 -6.98 -9.54 -12.87
N VAL B 176 -6.28 -8.47 -12.54
CA VAL B 176 -6.51 -7.16 -13.14
C VAL B 176 -5.52 -6.99 -14.27
N HIS B 177 -6.01 -6.69 -15.47
CA HIS B 177 -5.15 -6.49 -16.64
C HIS B 177 -5.55 -5.18 -17.31
N THR B 178 -4.64 -4.23 -17.30
CA THR B 178 -4.83 -2.93 -17.94
C THR B 178 -3.94 -2.91 -19.17
N PHE B 179 -4.56 -2.74 -20.36
CA PHE B 179 -3.81 -2.93 -21.58
C PHE B 179 -3.17 -1.63 -22.04
N PRO B 180 -1.98 -1.71 -22.65
CA PRO B 180 -1.41 -0.54 -23.29
C PRO B 180 -2.40 0.12 -24.23
N ALA B 181 -2.37 1.44 -24.28
CA ALA B 181 -3.34 2.17 -25.08
C ALA B 181 -3.13 1.93 -26.57
N VAL B 182 -4.19 2.10 -27.32
CA VAL B 182 -4.10 2.21 -28.77
C VAL B 182 -4.04 3.70 -29.10
N LEU B 183 -3.21 4.05 -30.06
CA LEU B 183 -3.16 5.41 -30.58
C LEU B 183 -3.89 5.44 -31.91
N GLN B 184 -4.97 6.22 -31.98
CA GLN B 184 -5.82 6.22 -33.16
C GLN B 184 -5.30 7.21 -34.21
N SER B 185 -5.88 7.13 -35.41
CA SER B 185 -5.51 8.07 -36.46
C SER B 185 -5.85 9.49 -36.05
N SER B 186 -6.87 9.68 -35.20
CA SER B 186 -7.25 11.00 -34.73
C SER B 186 -6.21 11.63 -33.81
N GLY B 187 -5.20 10.87 -33.39
CA GLY B 187 -4.24 11.36 -32.43
C GLY B 187 -4.62 11.13 -30.99
N LEU B 188 -5.85 10.67 -30.71
CA LEU B 188 -6.31 10.40 -29.35
C LEU B 188 -6.07 8.95 -28.99
N TYR B 189 -5.90 8.69 -27.70
CA TYR B 189 -5.63 7.36 -27.18
C TYR B 189 -6.88 6.75 -26.55
N SER B 190 -6.90 5.43 -26.51
CA SER B 190 -7.92 4.68 -25.78
C SER B 190 -7.25 3.47 -25.14
N LEU B 191 -7.80 3.02 -24.03
CA LEU B 191 -7.32 1.78 -23.41
C LEU B 191 -8.48 1.06 -22.75
N SER B 192 -8.23 -0.19 -22.35
CA SER B 192 -9.18 -1.00 -21.60
C SER B 192 -8.50 -1.63 -20.39
N SER B 193 -9.25 -1.73 -19.29
CA SER B 193 -8.82 -2.45 -18.10
C SER B 193 -9.84 -3.53 -17.79
N VAL B 194 -9.36 -4.76 -17.63
CA VAL B 194 -10.21 -5.92 -17.45
C VAL B 194 -9.78 -6.68 -16.21
N VAL B 195 -10.77 -7.12 -15.45
CA VAL B 195 -10.54 -7.98 -14.30
C VAL B 195 -11.32 -9.26 -14.51
N THR B 196 -10.69 -10.39 -14.17
CA THR B 196 -11.29 -11.71 -14.21
C THR B 196 -11.74 -12.08 -12.81
N VAL B 197 -13.03 -12.36 -12.63
CA VAL B 197 -13.60 -12.63 -11.31
C VAL B 197 -14.49 -13.87 -11.40
N PRO B 198 -14.79 -14.49 -10.25
CA PRO B 198 -15.75 -15.60 -10.25
C PRO B 198 -17.13 -15.14 -10.70
N SER B 199 -17.80 -15.98 -11.50
CA SER B 199 -19.16 -15.66 -11.95
C SER B 199 -20.19 -15.71 -10.82
N SER B 200 -19.91 -16.48 -9.77
CA SER B 200 -20.87 -16.64 -8.67
C SER B 200 -21.02 -15.38 -7.84
N SER B 201 -20.03 -14.49 -7.87
CA SER B 201 -20.10 -13.26 -7.10
C SER B 201 -20.75 -12.11 -7.85
N LEU B 202 -21.00 -12.27 -9.16
CA LEU B 202 -21.50 -11.15 -9.97
C LEU B 202 -22.78 -10.55 -9.40
N GLY B 203 -23.60 -11.35 -8.73
CA GLY B 203 -24.85 -10.84 -8.20
C GLY B 203 -24.67 -9.98 -6.97
N THR B 204 -23.68 -10.32 -6.13
CA THR B 204 -23.48 -9.63 -4.86
C THR B 204 -22.35 -8.61 -4.93
N GLN B 205 -21.14 -9.06 -5.24
CA GLN B 205 -19.96 -8.20 -5.18
C GLN B 205 -20.01 -7.07 -6.21
N THR B 206 -19.62 -5.89 -5.78
CA THR B 206 -19.63 -4.72 -6.65
C THR B 206 -18.23 -4.46 -7.21
N TYR B 207 -18.18 -3.90 -8.41
CA TYR B 207 -16.93 -3.71 -9.13
C TYR B 207 -16.91 -2.30 -9.69
N ILE B 208 -15.97 -1.48 -9.22
CA ILE B 208 -15.80 -0.11 -9.67
C ILE B 208 -14.39 0.05 -10.24
N CYS B 209 -14.28 0.59 -11.44
CA CYS B 209 -12.98 0.98 -11.97
C CYS B 209 -12.73 2.45 -11.65
N ASN B 210 -11.51 2.75 -11.22
CA ASN B 210 -11.08 4.11 -10.85
C ASN B 210 -10.09 4.58 -11.90
N VAL B 211 -10.51 5.56 -12.70
CA VAL B 211 -9.75 6.07 -13.85
C VAL B 211 -9.17 7.44 -13.49
N ASN B 212 -7.90 7.64 -13.79
CA ASN B 212 -7.19 8.89 -13.55
C ASN B 212 -6.45 9.31 -14.80
N HIS B 213 -6.80 10.49 -15.32
CA HIS B 213 -6.03 11.15 -16.37
C HIS B 213 -5.57 12.46 -15.74
N LYS B 214 -4.38 12.45 -15.12
CA LYS B 214 -3.89 13.63 -14.43
C LYS B 214 -3.76 14.83 -15.35
N PRO B 215 -3.14 14.72 -16.55
CA PRO B 215 -3.01 15.91 -17.42
C PRO B 215 -4.27 16.74 -17.62
N SER B 216 -5.45 16.14 -17.48
CA SER B 216 -6.70 16.87 -17.66
C SER B 216 -7.55 16.92 -16.40
N ASN B 217 -7.01 16.49 -15.26
CA ASN B 217 -7.74 16.44 -13.99
C ASN B 217 -9.03 15.63 -14.09
N THR B 218 -9.03 14.55 -14.87
CA THR B 218 -10.18 13.67 -14.95
C THR B 218 -10.01 12.52 -13.95
N LYS B 219 -10.96 12.42 -13.01
CA LYS B 219 -11.10 11.27 -12.13
C LYS B 219 -12.53 10.76 -12.29
N VAL B 220 -12.67 9.46 -12.58
CA VAL B 220 -13.97 8.84 -12.82
C VAL B 220 -14.01 7.52 -12.09
N ASP B 221 -15.12 7.25 -11.41
CA ASP B 221 -15.39 5.96 -10.77
C ASP B 221 -16.63 5.36 -11.42
N LYS B 222 -16.44 4.37 -12.28
CA LYS B 222 -17.55 3.75 -13.00
C LYS B 222 -17.83 2.38 -12.41
N LYS B 223 -19.06 2.18 -11.96
CA LYS B 223 -19.51 0.87 -11.52
C LYS B 223 -19.79 0.00 -12.73
N VAL B 224 -19.39 -1.26 -12.66
CA VAL B 224 -19.61 -2.21 -13.75
C VAL B 224 -20.49 -3.32 -13.19
N GLU B 225 -21.74 -3.36 -13.64
CA GLU B 225 -22.74 -4.37 -13.28
C GLU B 225 -22.99 -5.32 -14.43
N PRO B 226 -23.51 -6.52 -14.15
CA PRO B 226 -24.01 -7.37 -15.26
C PRO B 226 -25.11 -6.67 -16.03
N LYS B 227 -25.11 -6.88 -17.35
CA LYS B 227 -25.96 -6.13 -18.26
C LYS B 227 -27.44 -6.10 -17.96
N VAL C 18 29.30 6.52 -28.36
CA VAL C 18 30.43 6.41 -27.44
C VAL C 18 30.44 5.01 -26.80
N LEU C 19 29.24 4.45 -26.54
CA LEU C 19 29.08 3.18 -25.83
C LEU C 19 28.15 2.28 -26.63
N THR C 20 28.67 1.19 -27.18
CA THR C 20 27.94 0.37 -28.13
C THR C 20 27.58 -0.96 -27.46
N GLN C 21 26.29 -1.30 -27.51
CA GLN C 21 25.80 -2.57 -27.01
C GLN C 21 25.05 -3.31 -28.13
N PRO C 22 25.11 -4.64 -28.17
CA PRO C 22 24.24 -5.40 -29.09
C PRO C 22 22.78 -5.17 -28.75
N SER C 23 21.96 -5.05 -29.80
CA SER C 23 20.52 -4.81 -29.57
C SER C 23 19.82 -5.99 -28.92
N SER C 24 20.33 -7.20 -29.09
CA SER C 24 19.67 -8.39 -28.57
C SER C 24 20.72 -9.41 -28.14
N LEU C 25 20.33 -10.23 -27.18
CA LEU C 25 21.15 -11.34 -26.72
C LEU C 25 20.19 -12.40 -26.17
N SER C 26 20.40 -13.66 -26.55
CA SER C 26 19.53 -14.76 -26.13
C SER C 26 20.35 -15.94 -25.64
N ALA C 27 19.87 -16.59 -24.59
CA ALA C 27 20.50 -17.79 -24.09
C ALA C 27 19.43 -18.57 -23.34
N SER C 28 19.67 -19.88 -23.20
CA SER C 28 18.74 -20.77 -22.54
C SER C 28 18.93 -20.67 -21.02
N PRO C 29 17.94 -21.12 -20.23
CA PRO C 29 18.09 -21.03 -18.78
C PRO C 29 19.34 -21.75 -18.31
N GLY C 30 19.96 -21.21 -17.25
CA GLY C 30 21.17 -21.77 -16.70
C GLY C 30 22.46 -21.34 -17.36
N ALA C 31 22.41 -20.87 -18.60
CA ALA C 31 23.61 -20.45 -19.31
C ALA C 31 24.22 -19.18 -18.69
N SER C 32 25.39 -18.78 -19.23
CA SER C 32 26.13 -17.58 -18.83
C SER C 32 26.06 -16.57 -19.98
N ALA C 33 25.22 -15.56 -19.85
CA ALA C 33 25.07 -14.53 -20.87
C ALA C 33 26.09 -13.42 -20.65
N SER C 34 26.88 -13.13 -21.68
CA SER C 34 27.90 -12.09 -21.63
C SER C 34 27.40 -10.89 -22.43
N LEU C 35 27.01 -9.84 -21.74
CA LEU C 35 26.56 -8.62 -22.37
C LEU C 35 27.76 -7.67 -22.50
N THR C 36 27.95 -7.13 -23.69
CA THR C 36 29.12 -6.31 -23.96
C THR C 36 28.75 -4.83 -24.11
N CYS C 37 29.69 -3.99 -23.70
CA CYS C 37 29.58 -2.53 -23.73
C CYS C 37 30.91 -2.05 -24.31
N THR C 38 30.93 -1.74 -25.60
CA THR C 38 32.14 -1.43 -26.34
C THR C 38 32.31 0.09 -26.48
N LEU C 39 33.51 0.57 -26.17
CA LEU C 39 33.84 1.99 -26.30
C LEU C 39 34.41 2.27 -27.68
N ARG C 40 34.21 3.51 -28.16
CA ARG C 40 34.84 3.97 -29.39
C ARG C 40 36.31 3.59 -29.41
N SER C 41 36.82 3.22 -30.58
CA SER C 41 38.25 3.11 -30.75
C SER C 41 38.89 4.48 -30.59
N GLY C 42 40.14 4.48 -30.16
CA GLY C 42 40.79 5.70 -29.74
C GLY C 42 40.51 6.11 -28.31
N ILE C 43 39.92 5.22 -27.52
CA ILE C 43 39.61 5.51 -26.13
C ILE C 43 39.70 4.19 -25.40
N ASN C 44 40.53 4.14 -24.36
CA ASN C 44 40.86 2.89 -23.71
C ASN C 44 39.84 2.59 -22.62
N VAL C 45 39.19 1.43 -22.73
CA VAL C 45 38.19 0.98 -21.78
C VAL C 45 38.75 0.86 -20.36
N GLY C 46 40.08 0.79 -20.21
CA GLY C 46 40.65 0.42 -18.92
C GLY C 46 40.25 1.34 -17.78
N THR C 47 40.28 2.65 -18.00
CA THR C 47 40.09 3.64 -16.95
C THR C 47 38.62 3.97 -16.64
N TYR C 48 37.67 3.46 -17.41
CA TYR C 48 36.27 3.85 -17.26
C TYR C 48 35.55 2.96 -16.27
N ARG C 49 34.79 3.58 -15.40
CA ARG C 49 33.93 2.86 -14.46
C ARG C 49 32.59 2.67 -15.13
N ILE C 50 32.23 1.41 -15.41
CA ILE C 50 31.03 1.06 -16.15
C ILE C 50 29.95 0.70 -15.16
N TYR C 51 28.83 1.43 -15.20
CA TYR C 51 27.66 1.11 -14.41
C TYR C 51 26.68 0.28 -15.24
N TRP C 52 25.96 -0.62 -14.59
CA TRP C 52 25.01 -1.48 -15.28
C TRP C 52 23.62 -1.32 -14.68
N TYR C 53 22.61 -1.21 -15.55
CA TYR C 53 21.22 -1.07 -15.14
C TYR C 53 20.35 -2.07 -15.88
N GLN C 54 19.38 -2.63 -15.16
CA GLN C 54 18.32 -3.49 -15.70
C GLN C 54 17.00 -2.72 -15.72
N GLN C 55 16.26 -2.79 -16.81
CA GLN C 55 14.95 -2.16 -16.91
C GLN C 55 13.95 -3.16 -17.46
N LYS C 56 12.94 -3.46 -16.68
CA LYS C 56 11.86 -4.37 -17.04
C LYS C 56 10.65 -3.58 -17.49
N PRO C 57 9.74 -4.21 -18.24
CA PRO C 57 8.61 -3.47 -18.81
C PRO C 57 7.87 -2.66 -17.75
N GLY C 58 7.67 -1.38 -18.05
CA GLY C 58 6.88 -0.52 -17.19
C GLY C 58 7.48 -0.17 -15.85
N SER C 59 8.77 -0.43 -15.63
CA SER C 59 9.44 -0.18 -14.37
C SER C 59 10.62 0.77 -14.56
N PRO C 60 11.01 1.50 -13.51
CA PRO C 60 12.24 2.30 -13.62
C PRO C 60 13.46 1.40 -13.67
N PRO C 61 14.57 1.89 -14.23
CA PRO C 61 15.81 1.10 -14.21
C PRO C 61 16.22 0.74 -12.80
N GLN C 62 16.96 -0.36 -12.68
CA GLN C 62 17.44 -0.83 -11.40
C GLN C 62 18.95 -1.00 -11.46
N TYR C 63 19.64 -0.45 -10.46
CA TYR C 63 21.09 -0.47 -10.45
C TYR C 63 21.61 -1.87 -10.15
N LEU C 64 22.55 -2.36 -10.97
CA LEU C 64 23.06 -3.71 -10.80
C LEU C 64 24.43 -3.75 -10.14
N LEU C 65 25.39 -3.01 -10.69
CA LEU C 65 26.78 -3.07 -10.26
C LEU C 65 27.57 -2.11 -11.12
N ARG C 66 28.80 -1.83 -10.68
CA ARG C 66 29.74 -1.10 -11.52
C ARG C 66 31.10 -1.78 -11.48
N TYR C 67 31.87 -1.57 -12.55
CA TYR C 67 33.17 -2.21 -12.66
C TYR C 67 34.10 -1.28 -13.38
N LYS C 68 35.23 -0.96 -12.75
CA LYS C 68 36.35 -0.33 -13.45
C LYS C 68 37.52 -1.29 -13.63
N SER C 69 37.81 -2.11 -12.64
CA SER C 69 38.92 -3.06 -12.68
C SER C 69 38.73 -3.99 -11.49
N ASP C 70 39.64 -4.94 -11.34
CA ASP C 70 39.56 -5.80 -10.16
C ASP C 70 39.78 -4.99 -8.90
N SER C 71 40.50 -3.87 -9.00
CA SER C 71 40.70 -3.00 -7.84
C SER C 71 39.44 -2.22 -7.49
N ASP C 72 38.60 -1.87 -8.48
CA ASP C 72 37.55 -0.87 -8.29
C ASP C 72 36.23 -1.36 -8.91
N LYS C 73 35.38 -1.95 -8.08
CA LYS C 73 34.14 -2.55 -8.52
C LYS C 73 33.23 -2.65 -7.30
N GLN C 74 31.94 -2.80 -7.56
CA GLN C 74 30.98 -2.81 -6.46
C GLN C 74 29.70 -3.45 -6.95
N GLN C 75 29.11 -4.26 -6.08
CA GLN C 75 27.83 -4.90 -6.34
C GLN C 75 26.72 -4.01 -5.81
N GLY C 76 25.68 -3.82 -6.61
CA GLY C 76 24.53 -3.08 -6.14
C GLY C 76 23.86 -3.76 -4.97
N SER C 77 23.33 -2.95 -4.06
CA SER C 77 22.61 -3.46 -2.91
C SER C 77 21.48 -4.40 -3.33
N GLY C 78 21.51 -5.63 -2.80
CA GLY C 78 20.46 -6.59 -3.03
C GLY C 78 20.54 -7.35 -4.33
N VAL C 79 21.57 -7.13 -5.14
CA VAL C 79 21.68 -7.70 -6.47
C VAL C 79 22.32 -9.09 -6.36
N PRO C 80 21.69 -10.15 -6.85
CA PRO C 80 22.27 -11.49 -6.71
C PRO C 80 23.63 -11.59 -7.40
N SER C 81 24.52 -12.41 -6.82
CA SER C 81 25.91 -12.41 -7.25
C SER C 81 26.14 -13.10 -8.59
N ARG C 82 25.12 -13.76 -9.16
CA ARG C 82 25.27 -14.24 -10.52
C ARG C 82 25.42 -13.10 -11.53
N PHE C 83 25.03 -11.88 -11.15
CA PHE C 83 25.38 -10.68 -11.93
C PHE C 83 26.79 -10.25 -11.54
N SER C 84 27.70 -10.19 -12.51
CA SER C 84 29.06 -9.77 -12.19
C SER C 84 29.61 -8.92 -13.34
N GLY C 85 30.65 -8.16 -13.04
CA GLY C 85 31.25 -7.32 -14.07
C GLY C 85 32.69 -7.65 -14.36
N SER C 86 33.17 -7.31 -15.55
CA SER C 86 34.59 -7.43 -15.88
C SER C 86 34.79 -6.66 -17.17
N LYS C 87 35.97 -6.77 -17.76
CA LYS C 87 36.27 -6.08 -19.01
C LYS C 87 37.02 -7.03 -19.92
N ASP C 88 36.97 -6.73 -21.22
CA ASP C 88 37.71 -7.48 -22.23
C ASP C 88 38.56 -6.45 -22.96
N ALA C 89 39.83 -6.33 -22.56
CA ALA C 89 40.70 -5.31 -23.14
C ALA C 89 40.88 -5.51 -24.65
N SER C 90 40.96 -6.77 -25.09
CA SER C 90 40.97 -7.07 -26.53
C SER C 90 39.82 -6.38 -27.24
N ALA C 91 38.61 -6.54 -26.70
CA ALA C 91 37.43 -6.00 -27.36
C ALA C 91 37.18 -4.55 -27.01
N ASN C 92 38.01 -3.95 -26.14
CA ASN C 92 37.81 -2.60 -25.64
C ASN C 92 36.39 -2.42 -25.09
N ALA C 93 35.97 -3.40 -24.30
CA ALA C 93 34.57 -3.51 -23.92
C ALA C 93 34.44 -3.86 -22.43
N GLY C 94 33.39 -3.32 -21.81
CA GLY C 94 32.97 -3.81 -20.52
C GLY C 94 32.01 -4.97 -20.68
N ILE C 95 31.95 -5.81 -19.66
CA ILE C 95 31.17 -7.04 -19.67
C ILE C 95 30.26 -7.08 -18.47
N LEU C 96 28.99 -7.36 -18.69
CA LEU C 96 28.10 -7.82 -17.65
C LEU C 96 27.82 -9.29 -17.88
N LEU C 97 28.08 -10.11 -16.87
CA LEU C 97 27.91 -11.54 -16.96
C LEU C 97 26.74 -11.94 -16.08
N ILE C 98 25.75 -12.58 -16.67
CA ILE C 98 24.63 -13.12 -15.91
C ILE C 98 24.84 -14.64 -15.91
N SER C 99 25.38 -15.14 -14.82
CA SER C 99 25.47 -16.58 -14.60
C SER C 99 24.12 -17.12 -14.18
N GLY C 100 23.89 -18.39 -14.51
CA GLY C 100 22.64 -19.02 -14.12
C GLY C 100 21.42 -18.27 -14.59
N LEU C 101 21.36 -17.98 -15.90
CA LEU C 101 20.30 -17.13 -16.44
C LEU C 101 18.93 -17.71 -16.16
N GLN C 102 18.08 -16.93 -15.52
CA GLN C 102 16.71 -17.32 -15.24
C GLN C 102 15.75 -16.52 -16.12
N SER C 103 14.51 -17.01 -16.21
CA SER C 103 13.51 -16.31 -16.99
C SER C 103 13.23 -14.92 -16.43
N GLU C 104 13.40 -14.75 -15.11
CA GLU C 104 13.22 -13.45 -14.47
C GLU C 104 14.16 -12.39 -15.03
N ASP C 105 15.24 -12.77 -15.69
CA ASP C 105 16.27 -11.83 -16.13
C ASP C 105 15.99 -11.25 -17.51
N GLU C 106 14.93 -11.68 -18.20
CA GLU C 106 14.48 -11.00 -19.40
C GLU C 106 14.18 -9.54 -19.05
N ALA C 107 14.74 -8.63 -19.85
CA ALA C 107 14.80 -7.20 -19.55
C ALA C 107 15.73 -6.48 -20.52
N ASP C 108 15.70 -5.14 -20.52
CA ASP C 108 16.70 -4.34 -21.24
C ASP C 108 17.84 -3.99 -20.30
N TYR C 109 19.08 -4.07 -20.80
CA TYR C 109 20.26 -3.82 -19.98
C TYR C 109 21.05 -2.66 -20.58
N TYR C 110 21.35 -1.67 -19.75
CA TYR C 110 22.08 -0.48 -20.18
C TYR C 110 23.39 -0.37 -19.41
N CYS C 111 24.48 -0.15 -20.13
CA CYS C 111 25.70 0.27 -19.47
C CYS C 111 25.76 1.80 -19.47
N MET C 112 26.58 2.34 -18.56
CA MET C 112 26.69 3.79 -18.38
C MET C 112 28.07 4.12 -17.84
N THR C 113 28.65 5.23 -18.34
CA THR C 113 29.96 5.66 -17.86
C THR C 113 30.14 7.17 -18.04
N TRP C 114 31.14 7.71 -17.35
CA TRP C 114 31.47 9.12 -17.43
C TRP C 114 32.44 9.36 -18.60
N HIS C 115 32.14 10.34 -19.43
CA HIS C 115 33.08 10.67 -20.49
C HIS C 115 32.97 12.15 -20.77
N SER C 116 34.12 12.85 -20.66
CA SER C 116 34.26 14.28 -20.85
C SER C 116 33.71 15.03 -19.64
N SER C 117 32.47 15.49 -19.77
CA SER C 117 31.84 16.27 -18.72
C SER C 117 30.39 15.86 -18.59
N ALA C 118 30.13 14.57 -18.79
CA ALA C 118 28.78 14.06 -18.82
C ALA C 118 28.82 12.57 -18.57
N TYR C 119 27.69 12.03 -18.14
CA TYR C 119 27.43 10.60 -18.18
C TYR C 119 26.82 10.24 -19.53
N VAL C 120 27.13 9.04 -20.02
CA VAL C 120 26.53 8.56 -21.25
C VAL C 120 26.10 7.10 -21.07
N PHE C 121 24.92 6.76 -21.60
CA PHE C 121 24.41 5.40 -21.63
C PHE C 121 24.76 4.71 -22.94
N GLY C 122 25.01 3.42 -22.87
CA GLY C 122 24.99 2.60 -24.07
C GLY C 122 23.60 2.54 -24.67
N THR C 123 23.52 1.96 -25.85
CA THR C 123 22.28 1.89 -26.62
C THR C 123 21.31 0.85 -26.10
N GLY C 124 21.72 -0.03 -25.19
CA GLY C 124 20.81 -1.03 -24.62
C GLY C 124 20.80 -2.39 -25.29
N THR C 125 20.71 -3.46 -24.49
CA THR C 125 20.63 -4.84 -24.96
C THR C 125 19.40 -5.51 -24.37
N LYS C 126 18.54 -6.07 -25.23
CA LYS C 126 17.40 -6.85 -24.78
C LYS C 126 17.81 -8.31 -24.62
N VAL C 127 17.50 -8.88 -23.45
CA VAL C 127 17.89 -10.24 -23.12
C VAL C 127 16.64 -11.10 -23.15
N THR C 128 16.58 -12.02 -24.11
CA THR C 128 15.53 -13.04 -24.14
C THR C 128 16.10 -14.37 -23.64
N VAL C 129 15.33 -15.04 -22.80
CA VAL C 129 15.64 -16.40 -22.38
C VAL C 129 15.02 -17.36 -23.39
N LEU C 130 15.85 -18.19 -24.02
CA LEU C 130 15.42 -19.09 -25.07
C LEU C 130 14.67 -20.28 -24.49
N GLY C 131 13.95 -20.98 -25.36
CA GLY C 131 13.27 -22.22 -25.01
C GLY C 131 12.06 -22.08 -24.11
N GLN C 132 11.38 -20.94 -24.12
CA GLN C 132 10.17 -20.87 -23.30
C GLN C 132 8.98 -21.46 -24.07
N PRO C 133 8.07 -22.14 -23.38
CA PRO C 133 6.97 -22.82 -24.07
C PRO C 133 5.98 -21.85 -24.70
N LYS C 134 5.44 -22.27 -25.85
CA LYS C 134 4.36 -21.51 -26.47
C LYS C 134 3.22 -21.31 -25.48
N ALA C 135 2.63 -20.11 -25.51
CA ALA C 135 1.44 -19.77 -24.73
C ALA C 135 0.36 -19.29 -25.68
N ASN C 136 -0.77 -19.97 -25.67
CA ASN C 136 -1.82 -19.60 -26.61
C ASN C 136 -2.59 -18.40 -26.07
N PRO C 137 -3.01 -17.49 -26.95
CA PRO C 137 -3.63 -16.24 -26.48
C PRO C 137 -4.98 -16.47 -25.81
N THR C 138 -5.24 -15.71 -24.75
CA THR C 138 -6.58 -15.54 -24.22
C THR C 138 -7.25 -14.37 -24.93
N VAL C 139 -8.43 -14.60 -25.52
CA VAL C 139 -9.15 -13.59 -26.28
C VAL C 139 -10.47 -13.27 -25.59
N THR C 140 -10.69 -11.99 -25.31
CA THR C 140 -11.91 -11.50 -24.70
C THR C 140 -12.50 -10.44 -25.62
N LEU C 141 -13.79 -10.56 -25.94
CA LEU C 141 -14.45 -9.64 -26.86
C LEU C 141 -15.59 -8.91 -26.16
N PHE C 142 -15.58 -7.59 -26.21
CA PHE C 142 -16.71 -6.89 -25.63
C PHE C 142 -17.49 -6.16 -26.71
N PRO C 143 -18.83 -6.17 -26.63
CA PRO C 143 -19.64 -5.39 -27.55
C PRO C 143 -19.76 -3.96 -27.05
N PRO C 144 -20.31 -3.06 -27.88
CA PRO C 144 -20.54 -1.69 -27.39
C PRO C 144 -21.43 -1.71 -26.16
N SER C 145 -21.16 -0.79 -25.23
CA SER C 145 -21.95 -0.71 -24.03
C SER C 145 -23.24 0.08 -24.29
N SER C 146 -24.24 -0.15 -23.45
CA SER C 146 -25.44 0.70 -23.45
C SER C 146 -25.05 2.17 -23.40
N GLU C 147 -24.25 2.56 -22.40
CA GLU C 147 -23.91 3.95 -22.20
C GLU C 147 -23.23 4.56 -23.42
N GLU C 148 -22.44 3.76 -24.16
CA GLU C 148 -21.77 4.32 -25.34
C GLU C 148 -22.73 4.47 -26.50
N LEU C 149 -23.60 3.49 -26.74
CA LEU C 149 -24.61 3.63 -27.78
C LEU C 149 -25.48 4.87 -27.54
N GLN C 150 -25.88 5.08 -26.28
CA GLN C 150 -26.69 6.26 -25.95
C GLN C 150 -25.92 7.53 -26.20
N ALA C 151 -24.60 7.49 -26.10
CA ALA C 151 -23.76 8.61 -26.53
C ALA C 151 -23.51 8.61 -28.03
N ASN C 152 -24.19 7.73 -28.78
CA ASN C 152 -24.20 7.74 -30.24
C ASN C 152 -22.88 7.25 -30.85
N LYS C 153 -22.22 6.31 -30.18
CA LYS C 153 -21.02 5.68 -30.74
C LYS C 153 -21.08 4.19 -30.46
N ALA C 154 -20.11 3.46 -31.00
CA ALA C 154 -20.12 2.00 -30.83
C ALA C 154 -18.72 1.45 -31.02
N THR C 155 -18.13 0.94 -29.94
CA THR C 155 -16.78 0.38 -30.00
C THR C 155 -16.82 -1.09 -29.60
N LEU C 156 -16.31 -1.96 -30.46
CA LEU C 156 -16.05 -3.34 -30.07
C LEU C 156 -14.60 -3.46 -29.62
N VAL C 157 -14.38 -4.25 -28.58
CA VAL C 157 -13.07 -4.30 -27.91
C VAL C 157 -12.60 -5.74 -27.87
N CYS C 158 -11.48 -6.00 -28.54
CA CYS C 158 -10.87 -7.33 -28.56
C CYS C 158 -9.56 -7.25 -27.78
N LEU C 159 -9.52 -7.94 -26.64
CA LEU C 159 -8.34 -7.98 -25.77
C LEU C 159 -7.68 -9.34 -25.85
N ILE C 160 -6.36 -9.32 -25.99
CA ILE C 160 -5.53 -10.49 -26.32
C ILE C 160 -4.36 -10.50 -25.35
N SER C 161 -4.30 -11.52 -24.50
CA SER C 161 -3.33 -11.53 -23.42
C SER C 161 -2.65 -12.89 -23.33
N ASP C 162 -1.54 -12.89 -22.58
CA ASP C 162 -0.81 -14.11 -22.20
C ASP C 162 -0.48 -15.01 -23.38
N PHE C 163 -0.03 -14.43 -24.49
CA PHE C 163 0.47 -15.23 -25.60
C PHE C 163 1.99 -15.12 -25.72
N TYR C 164 2.58 -16.15 -26.29
CA TYR C 164 4.03 -16.30 -26.43
C TYR C 164 4.32 -17.31 -27.51
N PRO C 165 5.14 -16.98 -28.53
CA PRO C 165 5.87 -15.70 -28.71
C PRO C 165 4.98 -14.51 -29.02
N GLY C 166 5.56 -13.32 -29.05
CA GLY C 166 4.80 -12.09 -29.19
C GLY C 166 4.50 -11.65 -30.60
N ALA C 167 3.83 -12.50 -31.36
CA ALA C 167 3.39 -12.14 -32.70
C ALA C 167 1.96 -12.64 -32.86
N VAL C 168 1.04 -11.74 -33.19
CA VAL C 168 -0.34 -12.10 -33.49
C VAL C 168 -0.82 -11.30 -34.69
N THR C 169 -1.81 -11.85 -35.36
CA THR C 169 -2.51 -11.15 -36.43
C THR C 169 -3.98 -11.09 -36.06
N VAL C 170 -4.60 -9.95 -36.33
CA VAL C 170 -5.98 -9.70 -35.89
C VAL C 170 -6.80 -9.28 -37.10
N ALA C 171 -7.87 -10.02 -37.36
CA ALA C 171 -8.81 -9.68 -38.41
C ALA C 171 -10.23 -9.70 -37.85
N TRP C 172 -11.04 -8.73 -38.29
CA TRP C 172 -12.45 -8.67 -37.95
C TRP C 172 -13.30 -9.02 -39.16
N LYS C 173 -14.42 -9.69 -38.90
CA LYS C 173 -15.40 -10.09 -39.91
C LYS C 173 -16.78 -9.73 -39.41
N ALA C 174 -17.65 -9.32 -40.32
CA ALA C 174 -19.06 -9.10 -40.04
C ALA C 174 -19.88 -9.95 -41.00
N ASP C 175 -20.66 -10.89 -40.46
CA ASP C 175 -21.47 -11.81 -41.26
C ASP C 175 -20.63 -12.56 -42.28
N GLY C 176 -19.45 -13.02 -41.83
CA GLY C 176 -18.55 -13.79 -42.67
C GLY C 176 -17.63 -12.97 -43.53
N SER C 177 -17.91 -11.68 -43.74
CA SER C 177 -17.10 -10.87 -44.64
C SER C 177 -16.05 -10.08 -43.87
N PRO C 178 -14.84 -9.96 -44.43
CA PRO C 178 -13.80 -9.17 -43.77
C PRO C 178 -14.25 -7.74 -43.56
N VAL C 179 -13.70 -7.11 -42.51
CA VAL C 179 -13.98 -5.71 -42.21
C VAL C 179 -12.64 -4.98 -42.20
N LYS C 180 -12.43 -4.14 -43.21
CA LYS C 180 -11.18 -3.37 -43.29
C LYS C 180 -11.25 -2.08 -42.47
N ALA C 181 -12.36 -1.35 -42.56
CA ALA C 181 -12.44 0.00 -42.04
C ALA C 181 -12.81 0.00 -40.56
N GLY C 182 -12.36 1.05 -39.87
CA GLY C 182 -12.68 1.24 -38.47
C GLY C 182 -11.86 0.43 -37.48
N VAL C 183 -10.77 -0.22 -37.92
CA VAL C 183 -10.01 -1.13 -37.08
C VAL C 183 -8.72 -0.45 -36.62
N GLU C 184 -8.41 -0.56 -35.33
CA GLU C 184 -7.16 -0.07 -34.75
C GLU C 184 -6.62 -1.15 -33.82
N THR C 185 -5.44 -1.66 -34.14
CA THR C 185 -4.79 -2.74 -33.41
C THR C 185 -3.44 -2.27 -32.88
N THR C 186 -3.13 -2.64 -31.64
CA THR C 186 -1.84 -2.30 -31.06
C THR C 186 -0.78 -3.32 -31.45
N LYS C 187 0.47 -2.88 -31.40
CA LYS C 187 1.56 -3.82 -31.47
C LYS C 187 1.58 -4.66 -30.20
N PRO C 188 2.20 -5.83 -30.24
CA PRO C 188 2.35 -6.62 -29.02
C PRO C 188 3.26 -5.91 -28.03
N SER C 189 2.93 -6.02 -26.75
CA SER C 189 3.77 -5.49 -25.69
C SER C 189 3.97 -6.55 -24.61
N LYS C 190 5.19 -6.61 -24.07
CA LYS C 190 5.56 -7.62 -23.09
C LYS C 190 4.94 -7.32 -21.74
N GLN C 191 4.39 -8.35 -21.11
CA GLN C 191 3.80 -8.29 -19.79
C GLN C 191 4.87 -8.63 -18.74
N SER C 192 4.52 -8.44 -17.46
CA SER C 192 5.51 -8.69 -16.41
C SER C 192 5.82 -10.17 -16.24
N ASN C 193 4.99 -11.07 -16.77
CA ASN C 193 5.26 -12.49 -16.72
C ASN C 193 5.98 -13.00 -17.97
N ASN C 194 6.38 -12.11 -18.87
CA ASN C 194 7.15 -12.38 -20.08
C ASN C 194 6.28 -12.83 -21.26
N LYS C 195 4.99 -13.08 -21.06
CA LYS C 195 4.08 -13.25 -22.18
C LYS C 195 3.68 -11.88 -22.73
N TYR C 196 2.87 -11.88 -23.79
CA TYR C 196 2.59 -10.66 -24.51
C TYR C 196 1.10 -10.35 -24.54
N ALA C 197 0.79 -9.07 -24.74
CA ALA C 197 -0.58 -8.57 -24.79
C ALA C 197 -0.73 -7.66 -26.00
N ALA C 198 -1.96 -7.61 -26.51
CA ALA C 198 -2.33 -6.70 -27.59
C ALA C 198 -3.83 -6.48 -27.52
N SER C 199 -4.29 -5.39 -28.10
CA SER C 199 -5.71 -5.10 -28.17
C SER C 199 -6.07 -4.56 -29.55
N SER C 200 -7.28 -4.85 -29.97
CA SER C 200 -7.82 -4.35 -31.23
C SER C 200 -9.21 -3.75 -30.99
N TYR C 201 -9.49 -2.65 -31.67
CA TYR C 201 -10.72 -1.90 -31.49
C TYR C 201 -11.39 -1.70 -32.84
N LEU C 202 -12.69 -1.95 -32.90
CA LEU C 202 -13.47 -1.73 -34.11
C LEU C 202 -14.54 -0.69 -33.79
N SER C 203 -14.46 0.47 -34.42
CA SER C 203 -15.31 1.61 -34.11
C SER C 203 -16.40 1.75 -35.18
N LEU C 204 -17.65 1.78 -34.75
CA LEU C 204 -18.78 1.80 -35.67
C LEU C 204 -19.76 2.88 -35.27
N THR C 205 -20.61 3.26 -36.23
CA THR C 205 -21.82 3.97 -35.84
C THR C 205 -22.83 2.98 -35.26
N PRO C 206 -23.70 3.45 -34.37
CA PRO C 206 -24.73 2.54 -33.84
C PRO C 206 -25.59 1.93 -34.93
N GLU C 207 -25.80 2.63 -36.05
CA GLU C 207 -26.56 2.04 -37.16
C GLU C 207 -25.79 0.88 -37.78
N GLN C 208 -24.50 1.10 -38.07
CA GLN C 208 -23.64 0.01 -38.51
C GLN C 208 -23.70 -1.17 -37.55
N TRP C 209 -23.56 -0.88 -36.26
CA TRP C 209 -23.59 -1.93 -35.24
C TRP C 209 -24.83 -2.80 -35.39
N LYS C 210 -26.02 -2.18 -35.40
CA LYS C 210 -27.26 -2.93 -35.49
C LYS C 210 -27.51 -3.52 -36.87
N SER C 211 -26.88 -2.98 -37.90
CA SER C 211 -27.02 -3.49 -39.27
C SER C 211 -26.73 -4.99 -39.37
N HIS C 212 -25.49 -5.38 -39.11
CA HIS C 212 -25.07 -6.76 -39.34
C HIS C 212 -25.63 -7.70 -38.26
N ARG C 213 -25.49 -9.00 -38.52
CA ARG C 213 -26.07 -10.02 -37.65
C ARG C 213 -25.16 -10.34 -36.47
N SER C 214 -23.86 -10.52 -36.74
CA SER C 214 -22.87 -10.80 -35.71
C SER C 214 -21.51 -10.31 -36.20
N TYR C 215 -20.63 -9.99 -35.25
CA TYR C 215 -19.26 -9.57 -35.53
C TYR C 215 -18.29 -10.54 -34.88
N SER C 216 -17.08 -10.62 -35.44
CA SER C 216 -16.11 -11.59 -34.97
C SER C 216 -14.72 -10.97 -34.90
N CYS C 217 -14.00 -11.31 -33.83
CA CYS C 217 -12.58 -11.01 -33.70
C CYS C 217 -11.80 -12.31 -33.90
N GLN C 218 -10.89 -12.33 -34.86
CA GLN C 218 -10.13 -13.52 -35.20
C GLN C 218 -8.67 -13.29 -34.82
N VAL C 219 -8.11 -14.17 -34.00
CA VAL C 219 -6.75 -14.02 -33.52
C VAL C 219 -5.94 -15.22 -33.98
N THR C 220 -5.00 -14.98 -34.88
CA THR C 220 -4.09 -16.00 -35.35
C THR C 220 -2.77 -15.87 -34.61
N HIS C 221 -2.34 -16.95 -33.97
CA HIS C 221 -1.07 -17.01 -33.26
C HIS C 221 -0.41 -18.32 -33.64
N GLU C 222 0.79 -18.23 -34.21
CA GLU C 222 1.56 -19.42 -34.58
C GLU C 222 0.72 -20.42 -35.38
N GLY C 223 0.04 -19.91 -36.41
CA GLY C 223 -0.70 -20.79 -37.31
C GLY C 223 -1.91 -21.47 -36.71
N SER C 224 -2.39 -21.00 -35.57
CA SER C 224 -3.65 -21.46 -34.99
C SER C 224 -4.54 -20.24 -34.83
N THR C 225 -5.76 -20.32 -35.35
CA THR C 225 -6.69 -19.19 -35.34
C THR C 225 -7.87 -19.50 -34.41
N VAL C 226 -8.23 -18.51 -33.59
CA VAL C 226 -9.39 -18.60 -32.73
C VAL C 226 -10.22 -17.35 -32.96
N GLU C 227 -11.49 -17.44 -32.56
CA GLU C 227 -12.49 -16.42 -32.86
C GLU C 227 -13.41 -16.23 -31.67
N LYS C 228 -13.85 -15.00 -31.49
CA LYS C 228 -14.90 -14.68 -30.54
C LYS C 228 -15.93 -13.85 -31.27
N THR C 229 -17.18 -13.99 -30.87
CA THR C 229 -18.29 -13.42 -31.61
C THR C 229 -19.25 -12.71 -30.66
N VAL C 230 -19.77 -11.57 -31.11
CA VAL C 230 -20.82 -10.83 -30.43
C VAL C 230 -21.89 -10.46 -31.46
N ALA C 231 -23.12 -10.27 -30.97
CA ALA C 231 -24.24 -10.01 -31.84
C ALA C 231 -25.12 -8.94 -31.18
N PRO C 232 -25.52 -7.91 -31.93
CA PRO C 232 -26.35 -6.85 -31.33
C PRO C 232 -27.64 -7.37 -30.71
N THR C 233 -28.14 -8.50 -31.18
CA THR C 233 -29.29 -9.18 -30.57
C THR C 233 -29.08 -9.45 -29.09
O1 MES D . -6.70 7.93 28.51
C2 MES D . -7.97 7.54 29.03
C3 MES D . -8.58 6.41 28.18
N4 MES D . -8.49 6.72 26.76
C5 MES D . -7.25 7.31 26.24
C6 MES D . -6.82 8.44 27.18
C7 MES D . -9.14 5.78 25.85
C8 MES D . -10.62 5.72 26.18
S MES D . -11.42 4.66 25.16
O1S MES D . -11.38 5.10 23.76
O2S MES D . -12.85 4.66 25.56
O3S MES D . -10.87 3.28 25.21
CL CL E . 16.80 -0.46 -27.01
#